data_1PSM
#
_entry.id   1PSM
#
_cell.length_a   1.000
_cell.length_b   1.000
_cell.length_c   1.000
_cell.angle_alpha   90.00
_cell.angle_beta   90.00
_cell.angle_gamma   90.00
#
_symmetry.space_group_name_H-M   'P 1'
#
_entity_poly.entity_id   1
_entity_poly.type   'polypeptide(L)'
_entity_poly.pdbx_seq_one_letter_code
;EAYKKAKQASQDAEQAAKDAENASKEAEEAAKEAVNLK
;
_entity_poly.pdbx_strand_id   A
#
# COMPACT_ATOMS: atom_id res chain seq x y z
N GLU A 1 26.61 -10.33 6.64
CA GLU A 1 25.80 -11.49 6.19
C GLU A 1 24.39 -11.12 6.60
N ALA A 2 23.49 -12.10 6.88
CA ALA A 2 22.11 -11.87 7.27
C ALA A 2 21.81 -12.73 8.48
N TYR A 3 22.70 -12.62 9.51
CA TYR A 3 22.85 -13.41 10.73
C TYR A 3 21.74 -13.21 11.75
N LYS A 4 21.97 -12.28 12.70
CA LYS A 4 21.16 -11.96 13.83
C LYS A 4 21.08 -10.46 13.82
N LYS A 5 19.91 -9.96 13.37
CA LYS A 5 19.50 -8.60 13.31
C LYS A 5 18.03 -8.86 13.27
N ALA A 6 17.18 -7.79 13.22
CA ALA A 6 15.75 -7.87 13.00
C ALA A 6 15.47 -7.80 11.52
N LYS A 7 15.09 -8.96 10.92
CA LYS A 7 14.87 -9.14 9.47
C LYS A 7 13.45 -8.81 9.11
N GLN A 8 12.59 -8.71 10.17
CA GLN A 8 11.20 -8.27 10.11
C GLN A 8 11.07 -6.75 10.13
N ALA A 9 12.10 -6.03 10.65
CA ALA A 9 12.21 -4.57 10.60
C ALA A 9 13.20 -4.19 9.52
N SER A 10 12.79 -4.02 8.24
CA SER A 10 13.73 -3.73 7.17
C SER A 10 12.74 -3.47 6.08
N GLN A 11 13.23 -3.31 4.82
CA GLN A 11 12.48 -2.97 3.61
C GLN A 11 11.59 -4.09 3.08
N ASP A 12 11.64 -5.25 3.80
CA ASP A 12 10.81 -6.43 3.67
C ASP A 12 9.50 -6.25 4.42
N ALA A 13 9.46 -5.34 5.43
CA ALA A 13 8.24 -4.93 6.10
C ALA A 13 7.74 -3.64 5.52
N GLU A 14 8.63 -2.83 4.88
CA GLU A 14 8.36 -1.51 4.35
C GLU A 14 7.69 -1.59 2.99
N GLN A 15 8.09 -2.58 2.14
CA GLN A 15 7.58 -2.75 0.78
C GLN A 15 6.27 -3.51 0.77
N ALA A 16 6.12 -4.49 1.69
CA ALA A 16 4.98 -5.38 1.86
C ALA A 16 3.82 -4.70 2.58
N ALA A 17 4.13 -3.51 3.16
CA ALA A 17 3.20 -2.55 3.72
C ALA A 17 2.75 -1.52 2.70
N LYS A 18 3.51 -1.38 1.57
CA LYS A 18 3.28 -0.37 0.56
C LYS A 18 2.35 -0.93 -0.49
N ASP A 19 2.57 -2.20 -0.94
CA ASP A 19 1.69 -2.87 -1.90
C ASP A 19 0.58 -3.64 -1.19
N ALA A 20 0.37 -3.29 0.11
CA ALA A 20 -0.77 -3.58 0.95
C ALA A 20 -1.83 -2.48 0.91
N GLU A 21 -1.43 -1.17 0.80
CA GLU A 21 -2.32 0.01 0.80
C GLU A 21 -2.87 0.24 -0.59
N ASN A 22 -2.03 -0.17 -1.59
CA ASN A 22 -2.05 0.21 -3.01
C ASN A 22 -3.26 -0.33 -3.72
N ALA A 23 -3.86 -1.42 -3.18
CA ALA A 23 -5.09 -2.03 -3.67
C ALA A 23 -6.33 -1.28 -3.21
N SER A 24 -6.30 -0.65 -2.01
CA SER A 24 -7.37 0.16 -1.43
C SER A 24 -7.26 1.61 -1.82
N LYS A 25 -6.09 2.03 -2.38
CA LYS A 25 -5.89 3.29 -3.08
C LYS A 25 -6.56 3.30 -4.44
N GLU A 26 -6.43 2.15 -5.17
CA GLU A 26 -7.19 1.85 -6.39
C GLU A 26 -8.66 1.56 -6.11
N ALA A 27 -8.98 0.53 -5.27
CA ALA A 27 -10.33 0.09 -4.96
C ALA A 27 -10.91 0.82 -3.76
N GLU A 28 -10.70 2.17 -3.73
CA GLU A 28 -11.30 3.21 -2.93
C GLU A 28 -12.52 3.74 -3.66
N GLU A 29 -12.38 3.86 -5.02
CA GLU A 29 -13.03 4.81 -5.93
C GLU A 29 -14.54 4.63 -6.10
N ALA A 30 -15.10 3.51 -5.57
CA ALA A 30 -16.53 3.25 -5.52
C ALA A 30 -17.16 3.78 -4.23
N ALA A 31 -16.34 3.93 -3.16
CA ALA A 31 -16.68 4.59 -1.90
C ALA A 31 -16.33 6.06 -1.96
N LYS A 32 -15.00 6.34 -2.02
CA LYS A 32 -14.36 7.66 -2.11
C LYS A 32 -14.22 8.34 -0.75
N GLU A 33 -13.36 7.81 0.16
CA GLU A 33 -13.27 8.18 1.57
C GLU A 33 -12.35 9.36 1.87
N ALA A 34 -12.41 10.33 0.92
CA ALA A 34 -12.18 11.75 1.05
C ALA A 34 -13.49 12.45 1.34
N VAL A 35 -14.60 11.97 0.70
CA VAL A 35 -15.87 12.69 0.59
C VAL A 35 -16.95 11.89 1.29
N ASN A 36 -16.54 10.87 2.06
CA ASN A 36 -17.34 10.09 2.98
C ASN A 36 -16.31 9.89 4.06
N LEU A 37 -16.77 9.82 5.33
CA LEU A 37 -15.98 9.60 6.52
C LEU A 37 -17.04 9.10 7.49
N LYS A 38 -17.94 8.20 7.04
CA LYS A 38 -19.00 7.65 7.88
C LYS A 38 -19.25 6.24 7.35
N GLU A 1 18.60 -12.95 3.67
CA GLU A 1 18.46 -11.58 3.09
C GLU A 1 18.42 -11.32 1.60
N ALA A 2 18.26 -12.31 0.69
CA ALA A 2 18.12 -11.98 -0.73
C ALA A 2 17.25 -13.06 -1.29
N TYR A 3 16.08 -12.66 -1.86
CA TYR A 3 15.04 -13.56 -2.32
C TYR A 3 14.23 -12.91 -3.45
N LYS A 4 14.62 -11.69 -3.90
CA LYS A 4 13.90 -10.69 -4.71
C LYS A 4 13.32 -9.65 -3.77
N LYS A 5 13.24 -8.35 -4.21
CA LYS A 5 12.60 -7.20 -3.55
C LYS A 5 13.39 -6.62 -2.38
N ALA A 6 14.58 -7.21 -2.13
CA ALA A 6 15.47 -7.06 -0.99
C ALA A 6 16.37 -5.85 -1.14
N LYS A 7 15.70 -4.67 -1.21
CA LYS A 7 16.17 -3.31 -1.21
C LYS A 7 15.98 -2.74 0.19
N GLN A 8 16.80 -1.74 0.60
CA GLN A 8 16.84 -1.19 1.97
C GLN A 8 16.60 0.32 1.95
N ALA A 9 15.77 0.81 1.03
CA ALA A 9 15.44 2.22 0.85
C ALA A 9 14.09 2.61 1.45
N SER A 10 13.32 1.59 1.94
CA SER A 10 12.02 1.60 2.61
C SER A 10 10.84 2.08 1.78
N GLN A 11 10.94 1.81 0.46
CA GLN A 11 9.92 1.98 -0.57
C GLN A 11 9.29 0.65 -0.88
N ASP A 12 10.10 -0.39 -0.60
CA ASP A 12 9.86 -1.80 -0.86
C ASP A 12 9.43 -2.47 0.41
N ALA A 13 10.18 -2.17 1.48
CA ALA A 13 10.28 -2.91 2.73
C ALA A 13 9.25 -2.43 3.73
N GLU A 14 8.72 -1.21 3.47
CA GLU A 14 7.65 -0.52 4.14
C GLU A 14 6.35 -0.88 3.45
N GLN A 15 6.42 -1.14 2.12
CA GLN A 15 5.31 -1.40 1.20
C GLN A 15 4.96 -2.87 1.19
N ALA A 16 5.93 -3.79 1.43
CA ALA A 16 5.74 -5.25 1.54
C ALA A 16 4.95 -5.67 2.79
N ALA A 17 4.82 -4.71 3.74
CA ALA A 17 4.00 -4.73 4.94
C ALA A 17 2.60 -4.17 4.74
N LYS A 18 2.34 -3.42 3.63
CA LYS A 18 1.06 -2.76 3.32
C LYS A 18 0.15 -3.66 2.52
N ASP A 19 0.73 -4.75 1.94
CA ASP A 19 0.22 -5.60 0.86
C ASP A 19 -1.04 -6.41 1.12
N ALA A 20 -1.61 -6.25 2.33
CA ALA A 20 -2.94 -6.69 2.76
C ALA A 20 -3.99 -5.61 2.55
N GLU A 21 -3.59 -4.32 2.82
CA GLU A 21 -4.38 -3.07 2.81
C GLU A 21 -4.39 -2.54 1.38
N ASN A 22 -3.43 -3.05 0.58
CA ASN A 22 -3.05 -2.64 -0.77
C ASN A 22 -4.00 -3.05 -1.86
N ALA A 23 -4.91 -4.01 -1.58
CA ALA A 23 -6.03 -4.38 -2.45
C ALA A 23 -7.12 -3.31 -2.60
N SER A 24 -7.63 -2.76 -1.46
CA SER A 24 -8.66 -1.70 -1.44
C SER A 24 -8.07 -0.29 -1.40
N LYS A 25 -6.73 -0.18 -1.56
CA LYS A 25 -5.93 1.06 -1.51
C LYS A 25 -5.98 1.78 -2.82
N GLU A 26 -6.27 1.03 -3.91
CA GLU A 26 -6.33 1.55 -5.27
C GLU A 26 -7.72 2.04 -5.64
N ALA A 27 -8.74 1.33 -5.06
CA ALA A 27 -10.15 1.52 -5.31
C ALA A 27 -10.71 2.75 -4.60
N GLU A 28 -10.13 3.11 -3.42
CA GLU A 28 -10.53 4.20 -2.53
C GLU A 28 -10.56 5.61 -3.12
N GLU A 29 -9.38 6.16 -3.59
CA GLU A 29 -9.21 7.50 -4.21
C GLU A 29 -9.93 7.60 -5.54
N ALA A 30 -10.04 6.44 -6.20
CA ALA A 30 -10.53 6.21 -7.54
C ALA A 30 -12.03 6.13 -7.60
N ALA A 31 -12.67 5.37 -6.67
CA ALA A 31 -14.10 5.30 -6.43
C ALA A 31 -14.55 6.30 -5.39
N LYS A 32 -13.83 7.46 -5.33
CA LYS A 32 -14.21 8.69 -4.65
C LYS A 32 -14.75 9.61 -5.71
N GLU A 33 -13.85 10.34 -6.42
CA GLU A 33 -14.13 11.38 -7.42
C GLU A 33 -14.77 10.86 -8.69
N ALA A 34 -14.47 9.60 -9.08
CA ALA A 34 -15.02 8.97 -10.27
C ALA A 34 -16.30 8.17 -10.08
N VAL A 35 -16.91 8.15 -8.87
CA VAL A 35 -18.09 7.34 -8.57
C VAL A 35 -19.06 8.21 -7.82
N ASN A 36 -18.66 8.67 -6.59
CA ASN A 36 -19.56 9.35 -5.68
C ASN A 36 -19.35 10.84 -5.73
N LEU A 37 -18.09 11.28 -5.91
CA LEU A 37 -17.59 12.62 -6.18
C LEU A 37 -16.91 13.24 -4.97
N LYS A 38 -16.89 12.51 -3.84
CA LYS A 38 -16.26 12.91 -2.60
C LYS A 38 -15.36 11.70 -2.33
N GLU A 1 26.51 -15.55 12.54
CA GLU A 1 27.60 -14.63 12.18
C GLU A 1 27.05 -13.29 12.55
N ALA A 2 27.13 -12.30 11.63
CA ALA A 2 26.60 -10.96 11.80
C ALA A 2 25.27 -10.84 11.06
N TYR A 3 24.24 -11.58 11.54
CA TYR A 3 22.85 -11.50 11.15
C TYR A 3 22.23 -12.33 12.26
N LYS A 4 20.88 -12.42 12.30
CA LYS A 4 20.13 -13.09 13.35
C LYS A 4 18.98 -13.72 12.59
N LYS A 5 17.72 -13.46 13.03
CA LYS A 5 16.49 -13.69 12.30
C LYS A 5 15.84 -12.33 12.20
N ALA A 6 16.71 -11.30 12.20
CA ALA A 6 16.56 -9.98 11.61
C ALA A 6 17.12 -10.11 10.22
N LYS A 7 16.39 -9.53 9.23
CA LYS A 7 16.51 -9.78 7.80
C LYS A 7 17.33 -8.70 7.13
N GLN A 8 17.38 -7.50 7.74
CA GLN A 8 17.87 -6.27 7.17
C GLN A 8 17.40 -5.33 8.27
N ALA A 9 17.07 -4.07 7.91
CA ALA A 9 16.49 -3.05 8.78
C ALA A 9 14.98 -3.07 8.59
N SER A 10 14.39 -2.11 7.86
CA SER A 10 12.96 -2.10 7.66
C SER A 10 12.66 -1.47 6.33
N GLN A 11 13.38 -1.89 5.25
CA GLN A 11 13.27 -1.42 3.88
C GLN A 11 12.32 -2.31 3.12
N ASP A 12 12.10 -3.50 3.72
CA ASP A 12 11.42 -4.67 3.21
C ASP A 12 10.02 -4.70 3.78
N ALA A 13 9.81 -3.74 4.72
CA ALA A 13 8.61 -3.54 5.50
C ALA A 13 7.79 -2.43 4.91
N GLU A 14 8.39 -1.63 3.98
CA GLU A 14 7.77 -0.52 3.28
C GLU A 14 7.04 -1.04 2.07
N GLN A 15 7.57 -2.10 1.41
CA GLN A 15 7.00 -2.62 0.17
C GLN A 15 5.90 -3.63 0.50
N ALA A 16 6.02 -4.25 1.70
CA ALA A 16 5.03 -5.08 2.36
C ALA A 16 3.90 -4.29 2.99
N ALA A 17 4.01 -2.92 3.00
CA ALA A 17 2.93 -2.01 3.32
C ALA A 17 2.17 -1.63 2.06
N LYS A 18 2.86 -1.66 0.89
CA LYS A 18 2.37 -1.20 -0.40
C LYS A 18 1.50 -2.21 -1.09
N ASP A 19 1.82 -3.52 -0.94
CA ASP A 19 1.04 -4.64 -1.46
C ASP A 19 0.00 -5.11 -0.45
N ALA A 20 -0.07 -4.39 0.70
CA ALA A 20 -1.17 -4.37 1.64
C ALA A 20 -2.14 -3.26 1.26
N GLU A 21 -1.65 -1.97 1.12
CA GLU A 21 -2.40 -0.75 0.77
C GLU A 21 -3.09 -0.81 -0.60
N ASN A 22 -2.41 -1.41 -1.63
CA ASN A 22 -2.87 -1.55 -3.02
C ASN A 22 -4.13 -2.38 -3.22
N ALA A 23 -4.58 -3.14 -2.20
CA ALA A 23 -5.85 -3.86 -2.22
C ALA A 23 -7.07 -2.97 -2.02
N SER A 24 -6.91 -1.83 -1.28
CA SER A 24 -7.95 -0.83 -1.05
C SER A 24 -7.95 0.27 -2.07
N LYS A 25 -6.76 0.62 -2.64
CA LYS A 25 -6.42 1.72 -3.55
C LYS A 25 -7.15 1.73 -4.89
N GLU A 26 -7.89 0.64 -5.18
CA GLU A 26 -8.80 0.47 -6.30
C GLU A 26 -10.16 1.16 -6.06
N ALA A 27 -10.94 0.57 -5.10
CA ALA A 27 -12.34 0.84 -4.84
C ALA A 27 -12.54 1.93 -3.82
N GLU A 28 -11.55 2.13 -2.91
CA GLU A 28 -11.61 3.10 -1.82
C GLU A 28 -11.04 4.43 -2.28
N GLU A 29 -10.34 4.42 -3.45
CA GLU A 29 -9.86 5.63 -4.11
C GLU A 29 -10.91 6.17 -5.06
N ALA A 30 -11.77 5.24 -5.58
CA ALA A 30 -12.91 5.52 -6.43
C ALA A 30 -14.11 5.98 -5.60
N ALA A 31 -14.37 5.31 -4.44
CA ALA A 31 -15.35 5.69 -3.43
C ALA A 31 -14.77 6.65 -2.41
N LYS A 32 -13.96 7.62 -2.89
CA LYS A 32 -13.49 8.77 -2.16
C LYS A 32 -13.66 9.92 -3.09
N GLU A 33 -12.64 10.20 -3.94
CA GLU A 33 -12.49 11.51 -4.56
C GLU A 33 -13.42 11.68 -5.75
N ALA A 34 -13.80 10.56 -6.41
CA ALA A 34 -14.75 10.52 -7.51
C ALA A 34 -16.18 10.30 -7.04
N VAL A 35 -16.45 10.47 -5.72
CA VAL A 35 -17.74 10.37 -5.09
C VAL A 35 -18.04 11.66 -4.38
N ASN A 36 -17.29 12.01 -3.30
CA ASN A 36 -17.77 12.94 -2.27
C ASN A 36 -17.12 14.30 -2.41
N LEU A 37 -15.82 14.29 -2.85
CA LEU A 37 -15.01 15.42 -3.28
C LEU A 37 -14.49 16.19 -2.07
N LYS A 38 -14.38 15.47 -0.93
CA LYS A 38 -14.08 15.97 0.38
C LYS A 38 -13.11 14.92 0.99
N GLU A 1 15.29 2.76 -7.03
CA GLU A 1 16.23 3.91 -6.81
C GLU A 1 15.47 5.17 -7.08
N ALA A 2 15.42 5.64 -8.36
CA ALA A 2 14.62 6.77 -8.81
C ALA A 2 13.27 6.32 -9.36
N TYR A 3 13.12 5.00 -9.61
CA TYR A 3 11.87 4.33 -9.73
C TYR A 3 12.30 2.96 -9.26
N LYS A 4 11.34 2.09 -8.80
CA LYS A 4 11.42 0.68 -8.41
C LYS A 4 12.68 0.20 -7.69
N LYS A 5 13.25 -0.96 -8.09
CA LYS A 5 14.46 -1.62 -7.61
C LYS A 5 14.50 -2.04 -6.12
N ALA A 6 14.57 -3.38 -5.89
CA ALA A 6 14.72 -3.99 -4.59
C ALA A 6 16.21 -4.16 -4.33
N LYS A 7 16.68 -3.73 -3.12
CA LYS A 7 18.06 -3.87 -2.68
C LYS A 7 18.10 -5.05 -1.76
N GLN A 8 19.24 -5.26 -1.05
CA GLN A 8 19.39 -6.28 -0.03
C GLN A 8 19.68 -5.58 1.27
N ALA A 9 18.77 -4.64 1.58
CA ALA A 9 18.59 -4.00 2.86
C ALA A 9 17.40 -4.69 3.50
N SER A 10 16.37 -3.93 3.87
CA SER A 10 15.11 -4.46 4.32
C SER A 10 14.17 -3.32 4.03
N GLN A 11 14.05 -2.98 2.72
CA GLN A 11 13.10 -2.01 2.17
C GLN A 11 11.82 -2.73 1.78
N ASP A 12 11.94 -4.08 1.68
CA ASP A 12 10.96 -5.02 1.17
C ASP A 12 9.79 -5.18 2.12
N ALA A 13 10.08 -5.28 3.44
CA ALA A 13 9.10 -5.47 4.52
C ALA A 13 8.48 -4.16 4.96
N GLU A 14 9.00 -3.04 4.39
CA GLU A 14 8.53 -1.68 4.50
C GLU A 14 7.55 -1.40 3.38
N GLN A 15 7.88 -1.88 2.15
CA GLN A 15 7.14 -1.68 0.92
C GLN A 15 5.97 -2.64 0.79
N ALA A 16 6.20 -3.94 1.13
CA ALA A 16 5.24 -5.05 1.04
C ALA A 16 4.16 -4.98 2.10
N ALA A 17 4.42 -4.15 3.13
CA ALA A 17 3.52 -3.77 4.22
C ALA A 17 2.61 -2.62 3.84
N LYS A 18 3.01 -1.76 2.84
CA LYS A 18 2.28 -0.61 2.36
C LYS A 18 1.35 -0.94 1.21
N ASP A 19 1.64 -2.02 0.42
CA ASP A 19 0.79 -2.49 -0.68
C ASP A 19 -0.26 -3.49 -0.19
N ALA A 20 -0.51 -3.53 1.15
CA ALA A 20 -1.59 -4.23 1.80
C ALA A 20 -2.82 -3.33 1.93
N GLU A 21 -2.58 -2.01 2.20
CA GLU A 21 -3.56 -0.94 2.37
C GLU A 21 -3.82 -0.31 1.02
N ASN A 22 -2.71 0.01 0.27
CA ASN A 22 -2.66 0.63 -1.07
C ASN A 22 -3.19 -0.22 -2.19
N ALA A 23 -3.46 -1.53 -1.89
CA ALA A 23 -4.08 -2.48 -2.80
C ALA A 23 -5.57 -2.22 -2.99
N SER A 24 -6.29 -1.89 -1.89
CA SER A 24 -7.73 -1.64 -1.89
C SER A 24 -8.09 -0.19 -2.11
N LYS A 25 -7.13 0.75 -1.94
CA LYS A 25 -7.29 2.20 -2.07
C LYS A 25 -7.66 2.70 -3.46
N GLU A 26 -7.30 1.89 -4.50
CA GLU A 26 -7.75 1.95 -5.90
C GLU A 26 -9.25 1.73 -6.07
N ALA A 27 -9.88 0.87 -5.22
CA ALA A 27 -11.28 0.51 -5.26
C ALA A 27 -12.10 1.42 -4.39
N GLU A 28 -11.41 2.14 -3.48
CA GLU A 28 -12.00 2.85 -2.34
C GLU A 28 -12.37 4.26 -2.77
N GLU A 29 -11.47 4.95 -3.54
CA GLU A 29 -11.78 6.27 -4.12
C GLU A 29 -12.39 6.17 -5.52
N ALA A 30 -12.24 5.02 -6.23
CA ALA A 30 -12.88 4.79 -7.54
C ALA A 30 -14.35 4.40 -7.38
N ALA A 31 -14.67 3.85 -6.17
CA ALA A 31 -15.99 3.73 -5.60
C ALA A 31 -16.32 4.93 -4.76
N LYS A 32 -16.15 6.13 -5.36
CA LYS A 32 -16.42 7.40 -4.74
C LYS A 32 -16.70 8.38 -5.83
N GLU A 33 -15.87 8.39 -6.94
CA GLU A 33 -15.88 9.28 -8.13
C GLU A 33 -17.25 9.63 -8.71
N ALA A 34 -18.10 8.60 -8.96
CA ALA A 34 -19.53 8.72 -9.24
C ALA A 34 -20.39 8.62 -7.98
N VAL A 35 -20.59 7.35 -7.53
CA VAL A 35 -21.39 6.89 -6.40
C VAL A 35 -20.81 5.52 -6.10
N ASN A 36 -20.69 4.64 -7.13
CA ASN A 36 -20.31 3.24 -6.93
C ASN A 36 -19.31 2.89 -8.01
N LEU A 37 -19.76 2.47 -9.22
CA LEU A 37 -18.91 2.14 -10.36
C LEU A 37 -18.04 0.87 -10.15
N LYS A 38 -18.59 -0.20 -9.53
CA LYS A 38 -17.76 -1.33 -9.13
C LYS A 38 -18.59 -2.61 -9.25
N GLU A 1 18.23 -10.91 16.56
CA GLU A 1 18.19 -12.33 16.17
C GLU A 1 19.64 -12.69 16.17
N ALA A 2 20.04 -13.78 15.47
CA ALA A 2 21.42 -14.19 15.38
C ALA A 2 21.45 -15.18 14.26
N TYR A 3 21.12 -14.75 13.03
CA TYR A 3 21.21 -15.56 11.83
C TYR A 3 21.85 -14.67 10.80
N LYS A 4 21.48 -14.85 9.52
CA LYS A 4 22.08 -14.20 8.38
C LYS A 4 20.92 -14.30 7.41
N LYS A 5 20.37 -13.16 6.94
CA LYS A 5 19.14 -13.11 6.16
C LYS A 5 19.46 -12.29 4.93
N ALA A 6 18.48 -12.24 3.98
CA ALA A 6 18.51 -11.54 2.70
C ALA A 6 17.94 -10.14 2.80
N LYS A 7 17.02 -9.82 1.85
CA LYS A 7 16.21 -8.63 1.80
C LYS A 7 14.84 -8.99 2.32
N GLN A 8 14.71 -8.86 3.66
CA GLN A 8 13.50 -8.95 4.44
C GLN A 8 13.39 -7.58 5.06
N ALA A 9 14.05 -7.31 6.23
CA ALA A 9 13.75 -6.19 7.12
C ALA A 9 14.45 -4.90 6.71
N SER A 10 13.84 -4.15 5.79
CA SER A 10 14.41 -3.07 5.05
C SER A 10 13.22 -2.78 4.16
N GLN A 11 13.42 -2.33 2.89
CA GLN A 11 12.42 -1.76 1.99
C GLN A 11 11.42 -2.77 1.46
N ASP A 12 11.83 -4.06 1.38
CA ASP A 12 11.02 -5.22 1.02
C ASP A 12 10.10 -5.68 2.14
N ALA A 13 10.35 -5.27 3.42
CA ALA A 13 9.41 -5.49 4.52
C ALA A 13 8.56 -4.26 4.69
N GLU A 14 9.13 -3.07 4.35
CA GLU A 14 8.57 -1.75 4.59
C GLU A 14 7.54 -1.39 3.54
N GLN A 15 7.80 -1.71 2.24
CA GLN A 15 6.93 -1.41 1.11
C GLN A 15 5.81 -2.43 0.98
N ALA A 16 6.03 -3.70 1.43
CA ALA A 16 5.05 -4.79 1.38
C ALA A 16 3.99 -4.72 2.47
N ALA A 17 4.10 -3.70 3.37
CA ALA A 17 3.08 -3.29 4.32
C ALA A 17 2.17 -2.21 3.74
N LYS A 18 2.71 -1.39 2.80
CA LYS A 18 2.08 -0.22 2.19
C LYS A 18 1.32 -0.60 0.94
N ASP A 19 1.87 -1.58 0.15
CA ASP A 19 1.27 -2.11 -1.10
C ASP A 19 0.17 -3.12 -0.80
N ALA A 20 0.08 -3.48 0.49
CA ALA A 20 -0.90 -4.33 1.12
C ALA A 20 -2.17 -3.55 1.48
N GLU A 21 -2.06 -2.22 1.84
CA GLU A 21 -3.20 -1.35 2.13
C GLU A 21 -3.70 -0.64 0.90
N ASN A 22 -2.79 -0.45 -0.11
CA ASN A 22 -3.04 0.21 -1.39
C ASN A 22 -3.78 -0.67 -2.38
N ALA A 23 -4.12 -1.91 -1.95
CA ALA A 23 -4.81 -2.92 -2.71
C ALA A 23 -6.31 -2.74 -2.66
N SER A 24 -6.87 -2.23 -1.52
CA SER A 24 -8.27 -1.87 -1.38
C SER A 24 -8.47 -0.43 -1.74
N LYS A 25 -7.49 0.47 -1.42
CA LYS A 25 -7.56 1.92 -1.65
C LYS A 25 -7.89 2.38 -3.06
N GLU A 26 -7.53 1.54 -4.06
CA GLU A 26 -7.79 1.61 -5.48
C GLU A 26 -9.25 1.32 -5.87
N ALA A 27 -10.04 0.66 -4.97
CA ALA A 27 -11.47 0.49 -5.05
C ALA A 27 -12.15 1.65 -4.35
N GLU A 28 -11.75 1.97 -3.09
CA GLU A 28 -12.27 3.06 -2.25
C GLU A 28 -12.09 4.47 -2.84
N GLU A 29 -10.92 4.79 -3.49
CA GLU A 29 -10.70 6.07 -4.15
C GLU A 29 -11.12 6.09 -5.61
N ALA A 30 -11.59 4.94 -6.18
CA ALA A 30 -12.23 4.87 -7.49
C ALA A 30 -13.74 5.05 -7.32
N ALA A 31 -14.31 4.25 -6.38
CA ALA A 31 -15.69 4.26 -5.97
C ALA A 31 -15.96 5.30 -4.89
N LYS A 32 -15.49 6.52 -5.20
CA LYS A 32 -15.81 7.78 -4.57
C LYS A 32 -15.48 8.78 -5.64
N GLU A 33 -14.20 8.82 -6.11
CA GLU A 33 -13.74 9.88 -7.00
C GLU A 33 -14.09 9.67 -8.47
N ALA A 34 -14.36 8.45 -8.99
CA ALA A 34 -14.89 8.25 -10.33
C ALA A 34 -16.40 8.22 -10.38
N VAL A 35 -17.04 7.65 -9.33
CA VAL A 35 -18.45 7.25 -9.31
C VAL A 35 -19.36 8.42 -8.98
N ASN A 36 -18.82 9.47 -8.33
CA ASN A 36 -19.58 10.66 -8.02
C ASN A 36 -18.68 11.85 -7.98
N LEU A 37 -17.40 11.71 -7.51
CA LEU A 37 -16.37 12.74 -7.55
C LEU A 37 -16.52 13.67 -6.36
N LYS A 38 -17.21 13.23 -5.29
CA LYS A 38 -17.46 14.05 -4.14
C LYS A 38 -17.71 13.07 -3.00
N GLU A 1 14.85 -3.73 -3.23
CA GLU A 1 15.82 -4.20 -4.26
C GLU A 1 17.31 -3.92 -4.02
N ALA A 2 17.93 -4.32 -2.88
CA ALA A 2 19.28 -3.86 -2.52
C ALA A 2 20.32 -4.96 -2.62
N TYR A 3 21.24 -4.97 -1.63
CA TYR A 3 22.19 -5.99 -1.28
C TYR A 3 22.71 -5.33 -0.02
N LYS A 4 23.51 -6.06 0.79
CA LYS A 4 24.36 -5.49 1.82
C LYS A 4 25.66 -6.24 1.82
N LYS A 5 25.71 -7.45 2.42
CA LYS A 5 26.92 -8.23 2.62
C LYS A 5 26.46 -9.66 2.58
N ALA A 6 25.98 -10.20 3.74
CA ALA A 6 25.50 -11.57 3.88
C ALA A 6 24.01 -11.69 3.62
N LYS A 7 23.19 -10.84 4.29
CA LYS A 7 21.77 -10.67 4.06
C LYS A 7 21.55 -9.42 3.23
N GLN A 8 20.27 -9.04 2.98
CA GLN A 8 19.86 -7.91 2.15
C GLN A 8 19.42 -6.77 3.07
N ALA A 9 18.36 -6.01 2.68
CA ALA A 9 17.85 -4.83 3.35
C ALA A 9 16.63 -5.25 4.15
N SER A 10 15.93 -4.28 4.76
CA SER A 10 14.77 -4.52 5.60
C SER A 10 13.62 -3.66 5.14
N GLN A 11 13.65 -3.27 3.85
CA GLN A 11 12.77 -2.27 3.26
C GLN A 11 11.65 -2.92 2.50
N ASP A 12 11.97 -4.04 1.80
CA ASP A 12 11.18 -4.85 0.88
C ASP A 12 10.15 -5.68 1.63
N ALA A 13 10.52 -5.93 2.92
CA ALA A 13 9.77 -6.62 3.94
C ALA A 13 8.88 -5.66 4.72
N GLU A 14 9.12 -4.30 4.65
CA GLU A 14 8.25 -3.28 5.22
C GLU A 14 7.25 -2.86 4.17
N GLN A 15 7.74 -2.53 2.93
CA GLN A 15 6.98 -1.90 1.85
C GLN A 15 5.85 -2.78 1.34
N ALA A 16 6.10 -4.11 1.36
CA ALA A 16 5.14 -5.17 1.12
C ALA A 16 3.95 -5.25 2.11
N ALA A 17 4.04 -4.53 3.27
CA ALA A 17 2.97 -4.36 4.24
C ALA A 17 2.13 -3.12 3.97
N LYS A 18 2.74 -2.09 3.32
CA LYS A 18 2.13 -0.82 2.92
C LYS A 18 1.54 -0.90 1.54
N ASP A 19 2.04 -1.85 0.71
CA ASP A 19 1.59 -2.17 -0.65
C ASP A 19 0.33 -3.03 -0.66
N ALA A 20 -0.24 -3.26 0.55
CA ALA A 20 -1.58 -3.75 0.81
C ALA A 20 -2.55 -2.58 0.95
N GLU A 21 -2.10 -1.42 1.51
CA GLU A 21 -2.92 -0.25 1.80
C GLU A 21 -2.93 0.68 0.60
N ASN A 22 -1.79 0.69 -0.14
CA ASN A 22 -1.56 1.26 -1.48
C ASN A 22 -2.12 0.41 -2.60
N ALA A 23 -2.74 -0.75 -2.28
CA ALA A 23 -3.51 -1.56 -3.20
C ALA A 23 -4.96 -1.12 -3.18
N SER A 24 -5.58 -1.03 -1.97
CA SER A 24 -6.97 -0.66 -1.76
C SER A 24 -7.23 0.82 -1.56
N LYS A 25 -6.25 1.72 -1.84
CA LYS A 25 -6.39 3.17 -1.71
C LYS A 25 -7.02 3.75 -2.97
N GLU A 26 -6.79 3.00 -4.08
CA GLU A 26 -7.41 3.14 -5.38
C GLU A 26 -8.68 2.29 -5.52
N ALA A 27 -9.33 1.98 -4.36
CA ALA A 27 -10.69 1.48 -4.26
C ALA A 27 -11.69 2.62 -4.11
N GLU A 28 -11.21 3.91 -4.17
CA GLU A 28 -11.93 5.14 -3.89
C GLU A 28 -12.97 5.46 -4.96
N GLU A 29 -12.71 5.10 -6.25
CA GLU A 29 -13.73 5.07 -7.31
C GLU A 29 -14.44 3.74 -7.50
N ALA A 30 -14.25 2.72 -6.60
CA ALA A 30 -15.07 1.50 -6.55
C ALA A 30 -16.24 1.74 -5.61
N ALA A 31 -15.97 2.55 -4.54
CA ALA A 31 -16.90 3.07 -3.54
C ALA A 31 -17.83 4.18 -4.07
N LYS A 32 -18.25 4.02 -5.34
CA LYS A 32 -19.10 4.87 -6.13
C LYS A 32 -20.27 4.05 -6.66
N GLU A 33 -20.03 2.80 -7.18
CA GLU A 33 -21.08 1.86 -7.58
C GLU A 33 -21.30 0.81 -6.51
N ALA A 34 -20.34 0.64 -5.57
CA ALA A 34 -20.41 -0.39 -4.54
C ALA A 34 -21.07 0.06 -3.25
N VAL A 35 -20.84 1.32 -2.80
CA VAL A 35 -21.19 1.76 -1.44
C VAL A 35 -22.38 2.72 -1.50
N ASN A 36 -22.71 3.18 -2.72
CA ASN A 36 -23.80 4.04 -2.99
C ASN A 36 -23.94 3.78 -4.45
N LEU A 37 -24.69 4.64 -5.17
CA LEU A 37 -24.77 4.70 -6.61
C LEU A 37 -25.56 5.95 -6.82
N LYS A 38 -25.05 7.08 -6.26
CA LYS A 38 -25.64 8.40 -6.35
C LYS A 38 -24.66 9.27 -7.18
N GLU A 1 -8.72 -7.23 13.29
CA GLU A 1 -8.17 -8.51 13.77
C GLU A 1 -6.72 -8.19 13.70
N ALA A 2 -5.95 -8.29 14.83
CA ALA A 2 -4.49 -8.13 14.88
C ALA A 2 -4.02 -6.69 14.73
N TYR A 3 -4.68 -5.71 15.44
CA TYR A 3 -4.38 -4.29 15.37
C TYR A 3 -3.28 -3.99 16.37
N LYS A 4 -2.16 -3.52 15.81
CA LYS A 4 -0.86 -3.55 16.39
C LYS A 4 -0.16 -2.78 15.32
N LYS A 5 1.17 -2.70 15.37
CA LYS A 5 1.98 -2.20 14.30
C LYS A 5 3.08 -3.20 14.22
N ALA A 6 2.82 -4.32 13.48
CA ALA A 6 3.74 -5.42 13.21
C ALA A 6 4.53 -5.20 11.93
N LYS A 7 4.21 -4.09 11.23
CA LYS A 7 4.87 -3.53 10.07
C LYS A 7 5.71 -2.39 10.57
N GLN A 8 6.74 -1.95 9.78
CA GLN A 8 7.76 -0.96 10.13
C GLN A 8 8.99 -1.64 10.65
N ALA A 9 9.36 -2.69 9.89
CA ALA A 9 10.39 -3.67 10.19
C ALA A 9 11.68 -3.43 9.45
N SER A 10 11.65 -3.14 8.13
CA SER A 10 12.80 -3.04 7.27
C SER A 10 12.13 -2.85 5.95
N GLN A 11 12.94 -2.76 4.84
CA GLN A 11 12.57 -2.68 3.43
C GLN A 11 11.60 -3.72 2.95
N ASP A 12 11.65 -4.93 3.56
CA ASP A 12 10.75 -6.07 3.44
C ASP A 12 9.32 -5.81 3.84
N ALA A 13 9.14 -5.06 4.96
CA ALA A 13 7.87 -4.80 5.59
C ALA A 13 7.35 -3.49 5.07
N GLU A 14 8.28 -2.60 4.62
CA GLU A 14 7.95 -1.29 4.07
C GLU A 14 7.57 -1.39 2.61
N GLN A 15 8.03 -2.45 1.90
CA GLN A 15 7.68 -2.76 0.52
C GLN A 15 6.46 -3.65 0.42
N ALA A 16 6.32 -4.65 1.35
CA ALA A 16 5.24 -5.64 1.30
C ALA A 16 3.91 -5.08 1.77
N ALA A 17 3.97 -4.03 2.64
CA ALA A 17 2.83 -3.32 3.14
C ALA A 17 2.46 -2.15 2.24
N LYS A 18 3.32 -1.81 1.24
CA LYS A 18 3.18 -0.69 0.33
C LYS A 18 2.25 -1.07 -0.79
N ASP A 19 2.41 -2.31 -1.31
CA ASP A 19 1.60 -2.96 -2.34
C ASP A 19 0.26 -3.41 -1.77
N ALA A 20 0.27 -3.79 -0.46
CA ALA A 20 -0.84 -4.38 0.26
C ALA A 20 -1.75 -3.37 0.94
N GLU A 21 -1.24 -2.17 1.36
CA GLU A 21 -2.10 -1.10 1.87
C GLU A 21 -2.56 -0.17 0.78
N ASN A 22 -1.91 -0.13 -0.42
CA ASN A 22 -2.23 0.78 -1.53
C ASN A 22 -3.42 0.31 -2.33
N ALA A 23 -3.66 -1.03 -2.39
CA ALA A 23 -4.72 -1.64 -3.18
C ALA A 23 -6.12 -1.38 -2.64
N SER A 24 -6.23 -1.15 -1.31
CA SER A 24 -7.43 -0.73 -0.60
C SER A 24 -7.57 0.78 -0.49
N LYS A 25 -6.53 1.54 -0.90
CA LYS A 25 -6.46 2.99 -1.03
C LYS A 25 -6.87 3.42 -2.44
N GLU A 26 -6.63 2.56 -3.48
CA GLU A 26 -7.08 2.71 -4.86
C GLU A 26 -8.57 2.37 -5.02
N ALA A 27 -9.22 1.92 -3.92
CA ALA A 27 -10.60 1.52 -3.84
C ALA A 27 -11.57 2.69 -3.69
N GLU A 28 -11.03 3.94 -3.56
CA GLU A 28 -11.68 5.23 -3.35
C GLU A 28 -12.70 5.60 -4.41
N GLU A 29 -12.37 5.29 -5.69
CA GLU A 29 -13.12 5.64 -6.89
C GLU A 29 -14.13 4.58 -7.28
N ALA A 30 -13.90 3.32 -6.82
CA ALA A 30 -14.70 2.13 -7.04
C ALA A 30 -15.74 2.02 -5.94
N ALA A 31 -15.35 2.39 -4.68
CA ALA A 31 -16.22 2.52 -3.51
C ALA A 31 -16.75 3.94 -3.37
N LYS A 32 -17.12 4.53 -4.52
CA LYS A 32 -17.67 5.86 -4.64
C LYS A 32 -18.98 5.67 -5.39
N GLU A 33 -18.93 5.75 -6.74
CA GLU A 33 -20.06 5.96 -7.64
C GLU A 33 -20.73 4.66 -8.05
N ALA A 34 -20.11 3.51 -7.69
CA ALA A 34 -20.69 2.18 -7.83
C ALA A 34 -21.45 1.74 -6.61
N VAL A 35 -21.04 2.20 -5.39
CA VAL A 35 -21.42 1.60 -4.12
C VAL A 35 -22.40 2.49 -3.38
N ASN A 36 -22.10 3.81 -3.27
CA ASN A 36 -22.93 4.75 -2.51
C ASN A 36 -23.60 5.72 -3.45
N LEU A 37 -23.07 5.84 -4.70
CA LEU A 37 -23.66 6.46 -5.88
C LEU A 37 -23.39 7.95 -5.96
N LYS A 38 -22.56 8.52 -5.04
CA LYS A 38 -22.47 9.95 -4.86
C LYS A 38 -20.98 10.29 -4.70
N GLU A 1 16.89 2.88 11.37
CA GLU A 1 15.92 3.97 11.68
C GLU A 1 15.55 3.85 13.13
N ALA A 2 14.81 2.78 13.53
CA ALA A 2 14.47 2.46 14.89
C ALA A 2 15.35 1.30 15.34
N TYR A 3 14.77 0.42 16.21
CA TYR A 3 15.32 -0.85 16.64
C TYR A 3 14.72 -1.91 15.71
N LYS A 4 14.64 -3.19 16.14
CA LYS A 4 13.99 -4.27 15.43
C LYS A 4 12.91 -4.75 16.35
N LYS A 5 11.86 -3.92 16.53
CA LYS A 5 10.62 -4.33 17.15
C LYS A 5 9.44 -3.74 16.41
N ALA A 6 9.65 -2.98 15.30
CA ALA A 6 8.55 -2.32 14.58
C ALA A 6 8.01 -3.21 13.48
N LYS A 7 6.95 -2.73 12.76
CA LYS A 7 6.31 -3.39 11.63
C LYS A 7 7.01 -3.02 10.34
N GLN A 8 7.79 -1.94 10.41
CA GLN A 8 8.64 -1.41 9.38
C GLN A 8 10.03 -1.58 9.93
N ALA A 9 10.84 -2.45 9.27
CA ALA A 9 12.25 -2.62 9.56
C ALA A 9 13.10 -1.88 8.55
N SER A 10 12.64 -1.61 7.30
CA SER A 10 13.38 -0.84 6.32
C SER A 10 12.39 -0.76 5.20
N GLN A 11 12.83 -0.27 4.00
CA GLN A 11 12.04 -0.02 2.79
C GLN A 11 11.29 -1.22 2.27
N ASP A 12 11.90 -2.43 2.45
CA ASP A 12 11.41 -3.77 2.15
C ASP A 12 10.33 -4.27 3.07
N ALA A 13 10.06 -3.53 4.17
CA ALA A 13 8.99 -3.84 5.10
C ALA A 13 7.86 -2.89 4.85
N GLU A 14 8.18 -1.67 4.32
CA GLU A 14 7.27 -0.57 4.11
C GLU A 14 6.59 -0.70 2.75
N GLN A 15 7.35 -1.31 1.79
CA GLN A 15 7.03 -1.63 0.40
C GLN A 15 6.26 -2.93 0.31
N ALA A 16 6.46 -3.85 1.28
CA ALA A 16 5.73 -5.09 1.44
C ALA A 16 4.50 -4.96 2.33
N ALA A 17 4.26 -3.74 2.89
CA ALA A 17 3.00 -3.31 3.51
C ALA A 17 2.09 -2.64 2.49
N LYS A 18 2.68 -2.12 1.37
CA LYS A 18 2.17 -1.03 0.54
C LYS A 18 1.26 -1.57 -0.53
N ASP A 19 1.41 -2.86 -0.83
CA ASP A 19 0.56 -3.68 -1.68
C ASP A 19 -0.56 -4.39 -0.93
N ALA A 20 -0.53 -4.35 0.44
CA ALA A 20 -1.54 -4.93 1.32
C ALA A 20 -2.63 -3.93 1.63
N GLU A 21 -2.28 -2.61 1.61
CA GLU A 21 -3.20 -1.49 1.74
C GLU A 21 -3.82 -1.20 0.39
N ASN A 22 -3.03 -1.35 -0.71
CA ASN A 22 -3.47 -1.09 -2.08
C ASN A 22 -4.33 -2.19 -2.70
N ALA A 23 -4.84 -3.15 -1.86
CA ALA A 23 -5.86 -4.13 -2.21
C ALA A 23 -7.26 -3.59 -1.97
N SER A 24 -7.46 -2.65 -0.99
CA SER A 24 -8.75 -2.05 -0.65
C SER A 24 -8.97 -0.80 -1.48
N LYS A 25 -7.83 -0.15 -1.77
CA LYS A 25 -7.65 1.02 -2.61
C LYS A 25 -7.56 0.67 -4.09
N GLU A 26 -8.17 -0.48 -4.46
CA GLU A 26 -8.56 -0.95 -5.78
C GLU A 26 -9.98 -0.43 -6.02
N ALA A 27 -10.81 -0.47 -4.93
CA ALA A 27 -12.14 0.08 -4.84
C ALA A 27 -12.11 1.52 -4.33
N GLU A 28 -11.41 1.77 -3.18
CA GLU A 28 -11.31 3.05 -2.47
C GLU A 28 -10.45 4.12 -3.16
N GLU A 29 -10.04 3.91 -4.44
CA GLU A 29 -9.23 4.84 -5.25
C GLU A 29 -10.12 5.89 -5.89
N ALA A 30 -11.45 5.61 -6.02
CA ALA A 30 -12.43 6.56 -6.52
C ALA A 30 -12.90 7.57 -5.47
N ALA A 31 -12.61 7.26 -4.15
CA ALA A 31 -12.69 8.13 -2.98
C ALA A 31 -11.35 8.84 -2.74
N LYS A 32 -10.31 8.07 -2.31
CA LYS A 32 -8.89 8.45 -2.31
C LYS A 32 -8.47 9.37 -1.17
N GLU A 33 -8.83 9.01 0.08
CA GLU A 33 -8.96 9.84 1.28
C GLU A 33 -7.69 9.90 2.10
N ALA A 34 -6.60 9.56 1.38
CA ALA A 34 -5.20 9.79 1.66
C ALA A 34 -4.74 11.10 1.06
N VAL A 35 -5.02 11.31 -0.27
CA VAL A 35 -4.35 12.31 -1.09
C VAL A 35 -5.37 13.25 -1.69
N ASN A 36 -6.51 13.36 -0.97
CA ASN A 36 -7.62 14.23 -1.17
C ASN A 36 -8.07 14.23 0.26
N LEU A 37 -8.69 15.33 0.69
CA LEU A 37 -9.14 15.62 2.04
C LEU A 37 -9.65 17.02 1.90
N LYS A 38 -10.51 17.28 0.89
CA LYS A 38 -11.24 18.50 0.75
C LYS A 38 -12.49 18.01 0.00
N GLU A 1 18.04 5.87 0.75
CA GLU A 1 17.48 5.47 -0.56
C GLU A 1 18.60 4.75 -1.24
N ALA A 2 19.43 5.39 -2.09
CA ALA A 2 20.66 4.77 -2.61
C ALA A 2 21.86 4.99 -1.69
N TYR A 3 21.90 4.28 -0.53
CA TYR A 3 23.05 4.26 0.35
C TYR A 3 22.64 3.11 1.23
N LYS A 4 23.55 2.58 2.08
CA LYS A 4 23.42 1.31 2.78
C LYS A 4 23.06 1.55 4.23
N LYS A 5 22.17 2.54 4.42
CA LYS A 5 21.62 3.07 5.66
C LYS A 5 20.21 2.52 5.76
N ALA A 6 19.64 2.16 4.57
CA ALA A 6 18.51 1.29 4.32
C ALA A 6 19.10 -0.10 4.12
N LYS A 7 18.68 -1.06 4.97
CA LYS A 7 18.95 -2.48 4.91
C LYS A 7 17.70 -3.14 4.35
N GLN A 8 17.42 -4.44 4.66
CA GLN A 8 16.22 -5.16 4.21
C GLN A 8 15.01 -4.82 5.08
N ALA A 9 15.26 -4.41 6.35
CA ALA A 9 14.25 -3.98 7.30
C ALA A 9 14.30 -2.48 7.28
N SER A 10 13.41 -1.82 6.50
CA SER A 10 13.56 -0.46 6.05
C SER A 10 12.36 -0.43 5.17
N GLN A 11 12.39 0.39 4.08
CA GLN A 11 11.32 0.64 3.12
C GLN A 11 11.06 -0.56 2.22
N ASP A 12 12.11 -1.37 1.98
CA ASP A 12 12.10 -2.63 1.23
C ASP A 12 11.67 -3.83 2.07
N ALA A 13 11.26 -3.60 3.35
CA ALA A 13 10.42 -4.55 4.08
C ALA A 13 9.01 -4.01 4.12
N GLU A 14 8.86 -2.67 4.00
CA GLU A 14 7.67 -1.92 4.34
C GLU A 14 6.73 -1.89 3.16
N GLN A 15 7.28 -1.64 1.95
CA GLN A 15 6.66 -1.50 0.64
C GLN A 15 6.02 -2.80 0.15
N ALA A 16 6.53 -3.93 0.70
CA ALA A 16 6.05 -5.29 0.51
C ALA A 16 4.92 -5.62 1.48
N ALA A 17 4.78 -4.85 2.61
CA ALA A 17 3.62 -4.95 3.50
C ALA A 17 2.54 -3.98 3.07
N LYS A 18 2.96 -2.89 2.35
CA LYS A 18 2.16 -1.74 1.95
C LYS A 18 1.31 -2.05 0.75
N ASP A 19 1.63 -3.13 0.00
CA ASP A 19 0.92 -3.62 -1.19
C ASP A 19 -0.28 -4.47 -0.79
N ALA A 20 -0.23 -5.10 0.41
CA ALA A 20 -1.27 -5.99 0.94
C ALA A 20 -2.37 -5.23 1.67
N GLU A 21 -1.99 -4.06 2.27
CA GLU A 21 -2.91 -3.11 2.87
C GLU A 21 -3.39 -2.06 1.87
N ASN A 22 -2.83 -2.04 0.62
CA ASN A 22 -3.19 -1.16 -0.49
C ASN A 22 -4.35 -1.72 -1.29
N ALA A 23 -4.66 -3.03 -1.12
CA ALA A 23 -5.79 -3.73 -1.77
C ALA A 23 -7.19 -3.27 -1.37
N SER A 24 -7.34 -2.63 -0.17
CA SER A 24 -8.56 -2.00 0.31
C SER A 24 -8.68 -0.53 -0.06
N LYS A 25 -7.52 0.08 -0.44
CA LYS A 25 -7.27 1.49 -0.68
C LYS A 25 -7.50 1.86 -2.12
N GLU A 26 -7.40 0.85 -3.03
CA GLU A 26 -7.70 0.91 -4.46
C GLU A 26 -9.20 0.87 -4.75
N ALA A 27 -10.04 1.16 -3.71
CA ALA A 27 -11.47 1.37 -3.74
C ALA A 27 -11.84 2.83 -3.96
N GLU A 28 -10.95 3.80 -3.55
CA GLU A 28 -11.19 5.25 -3.57
C GLU A 28 -10.96 5.91 -4.93
N GLU A 29 -10.74 5.08 -5.98
CA GLU A 29 -10.56 5.44 -7.37
C GLU A 29 -11.90 5.68 -8.03
N ALA A 30 -12.95 4.97 -7.53
CA ALA A 30 -14.31 4.94 -8.03
C ALA A 30 -15.13 6.13 -7.55
N ALA A 31 -14.64 6.77 -6.46
CA ALA A 31 -15.11 8.03 -5.91
C ALA A 31 -14.36 9.19 -6.52
N LYS A 32 -13.38 8.93 -7.44
CA LYS A 32 -12.48 9.94 -7.95
C LYS A 32 -12.42 9.92 -9.46
N GLU A 33 -11.79 8.90 -10.06
CA GLU A 33 -11.37 8.88 -11.46
C GLU A 33 -12.33 8.09 -12.32
N ALA A 34 -13.46 7.64 -11.72
CA ALA A 34 -14.74 7.43 -12.39
C ALA A 34 -15.66 8.62 -12.33
N VAL A 35 -16.19 8.95 -11.10
CA VAL A 35 -17.43 9.71 -10.96
C VAL A 35 -17.22 11.19 -10.78
N ASN A 36 -15.95 11.63 -10.69
CA ASN A 36 -15.61 12.93 -10.18
C ASN A 36 -14.89 13.70 -11.26
N LEU A 37 -13.56 13.48 -11.38
CA LEU A 37 -12.65 14.07 -12.36
C LEU A 37 -12.41 15.57 -12.18
N LYS A 38 -12.65 16.12 -10.95
CA LYS A 38 -12.35 17.48 -10.60
C LYS A 38 -11.29 17.41 -9.48
N GLU A 1 27.94 0.60 6.45
CA GLU A 1 29.16 0.66 5.64
C GLU A 1 28.69 0.32 4.27
N ALA A 2 28.11 1.33 3.58
CA ALA A 2 27.41 1.19 2.33
C ALA A 2 26.91 2.60 2.19
N TYR A 3 26.23 2.91 1.06
CA TYR A 3 25.82 4.24 0.66
C TYR A 3 24.35 4.14 0.35
N LYS A 4 23.50 4.19 1.43
CA LYS A 4 22.05 4.05 1.47
C LYS A 4 21.76 2.69 2.08
N LYS A 5 22.49 1.67 1.54
CA LYS A 5 22.45 0.24 1.73
C LYS A 5 21.72 -0.33 0.54
N ALA A 6 21.14 -1.54 0.70
CA ALA A 6 20.23 -2.19 -0.22
C ALA A 6 18.80 -1.84 0.17
N LYS A 7 17.83 -2.40 -0.60
CA LYS A 7 16.43 -2.50 -0.32
C LYS A 7 16.25 -3.93 0.18
N GLN A 8 16.23 -4.10 1.53
CA GLN A 8 16.10 -5.34 2.25
C GLN A 8 15.19 -4.99 3.41
N ALA A 9 15.66 -5.06 4.70
CA ALA A 9 14.92 -4.72 5.91
C ALA A 9 14.92 -3.21 6.11
N SER A 10 13.88 -2.56 5.55
CA SER A 10 13.89 -1.21 5.04
C SER A 10 12.61 -1.26 4.26
N GLN A 11 12.60 -0.61 3.07
CA GLN A 11 11.49 -0.20 2.24
C GLN A 11 10.84 -1.36 1.56
N ASP A 12 11.62 -2.39 1.22
CA ASP A 12 11.16 -3.59 0.54
C ASP A 12 10.63 -4.58 1.54
N ALA A 13 10.99 -4.43 2.84
CA ALA A 13 10.38 -5.16 3.94
C ALA A 13 9.12 -4.46 4.41
N GLU A 14 9.09 -3.11 4.28
CA GLU A 14 8.07 -2.24 4.82
C GLU A 14 6.94 -2.03 3.84
N GLN A 15 7.25 -1.86 2.53
CA GLN A 15 6.31 -1.69 1.42
C GLN A 15 5.58 -3.00 1.19
N ALA A 16 6.15 -4.15 1.61
CA ALA A 16 5.50 -5.47 1.61
C ALA A 16 4.57 -5.70 2.80
N ALA A 17 4.44 -4.69 3.72
CA ALA A 17 3.31 -4.53 4.64
C ALA A 17 2.24 -3.67 4.01
N LYS A 18 2.69 -2.56 3.37
CA LYS A 18 1.87 -1.45 2.89
C LYS A 18 1.25 -1.71 1.54
N ASP A 19 1.81 -2.66 0.73
CA ASP A 19 1.32 -3.04 -0.60
C ASP A 19 0.16 -4.04 -0.51
N ALA A 20 -0.19 -4.42 0.75
CA ALA A 20 -1.44 -5.03 1.17
C ALA A 20 -2.48 -3.99 1.57
N GLU A 21 -2.08 -2.73 1.95
CA GLU A 21 -2.98 -1.64 2.37
C GLU A 21 -3.39 -0.80 1.16
N ASN A 22 -2.51 -0.84 0.11
CA ASN A 22 -2.63 -0.25 -1.23
C ASN A 22 -3.68 -0.92 -2.08
N ALA A 23 -3.96 -2.25 -1.94
CA ALA A 23 -4.83 -2.99 -2.85
C ALA A 23 -6.32 -2.66 -2.73
N SER A 24 -6.78 -2.29 -1.50
CA SER A 24 -8.12 -1.76 -1.23
C SER A 24 -8.13 -0.22 -1.31
N LYS A 25 -6.98 0.44 -1.62
CA LYS A 25 -6.81 1.87 -1.88
C LYS A 25 -6.98 2.13 -3.37
N GLU A 26 -7.05 1.02 -4.17
CA GLU A 26 -7.38 0.97 -5.58
C GLU A 26 -8.89 0.92 -5.81
N ALA A 27 -9.69 1.04 -4.73
CA ALA A 27 -11.10 1.40 -4.72
C ALA A 27 -11.37 2.89 -4.59
N GLU A 28 -10.36 3.76 -4.26
CA GLU A 28 -10.47 5.13 -3.74
C GLU A 28 -11.13 6.14 -4.70
N GLU A 29 -11.06 5.82 -6.02
CA GLU A 29 -11.69 6.55 -7.12
C GLU A 29 -13.12 6.09 -7.43
N ALA A 30 -13.48 4.83 -7.08
CA ALA A 30 -14.82 4.27 -7.26
C ALA A 30 -15.65 4.54 -6.03
N ALA A 31 -14.93 4.62 -4.88
CA ALA A 31 -15.39 4.88 -3.52
C ALA A 31 -15.37 6.36 -3.20
N LYS A 32 -15.56 7.20 -4.25
CA LYS A 32 -15.69 8.64 -4.20
C LYS A 32 -17.16 8.98 -4.44
N GLU A 33 -17.58 9.07 -5.73
CA GLU A 33 -18.86 9.65 -6.19
C GLU A 33 -20.08 8.78 -5.95
N ALA A 34 -19.85 7.48 -5.69
CA ALA A 34 -20.88 6.51 -5.41
C ALA A 34 -21.19 6.40 -3.93
N VAL A 35 -20.12 6.37 -3.09
CA VAL A 35 -20.16 5.82 -1.75
C VAL A 35 -20.19 6.94 -0.74
N ASN A 36 -19.61 8.12 -1.08
CA ASN A 36 -19.57 9.23 -0.14
C ASN A 36 -20.13 10.48 -0.76
N LEU A 37 -19.94 10.64 -2.09
CA LEU A 37 -20.53 11.66 -2.96
C LEU A 37 -19.66 12.91 -3.05
N LYS A 38 -18.51 13.03 -2.32
CA LYS A 38 -17.79 14.27 -2.19
C LYS A 38 -16.30 14.00 -2.46
N GLU A 1 25.03 7.57 12.22
CA GLU A 1 24.92 6.76 13.47
C GLU A 1 25.32 5.41 12.93
N ALA A 2 24.68 4.29 13.34
CA ALA A 2 25.01 2.94 12.96
C ALA A 2 23.94 2.46 12.00
N TYR A 3 24.27 1.33 11.35
CA TYR A 3 23.42 0.58 10.46
C TYR A 3 24.08 -0.77 10.47
N LYS A 4 23.26 -1.84 10.66
CA LYS A 4 23.63 -3.22 10.39
C LYS A 4 22.32 -3.97 10.54
N LYS A 5 21.63 -4.29 9.43
CA LYS A 5 20.44 -5.12 9.40
C LYS A 5 20.66 -5.80 8.09
N ALA A 6 20.17 -7.06 7.96
CA ALA A 6 20.24 -7.89 6.77
C ALA A 6 19.03 -7.72 5.86
N LYS A 7 17.85 -7.37 6.46
CA LYS A 7 16.57 -7.26 5.76
C LYS A 7 16.32 -5.80 5.50
N GLN A 8 16.17 -5.04 6.62
CA GLN A 8 16.06 -3.59 6.78
C GLN A 8 14.61 -3.29 7.09
N ALA A 9 14.34 -2.49 8.16
CA ALA A 9 13.00 -2.18 8.68
C ALA A 9 12.60 -0.80 8.18
N SER A 10 12.77 -0.63 6.85
CA SER A 10 12.49 0.54 6.05
C SER A 10 11.70 -0.06 4.92
N GLN A 11 11.81 0.48 3.67
CA GLN A 11 11.03 0.15 2.48
C GLN A 11 11.20 -1.29 1.99
N ASP A 12 12.27 -1.97 2.43
CA ASP A 12 12.59 -3.35 2.10
C ASP A 12 11.93 -4.34 3.04
N ALA A 13 11.21 -3.84 4.06
CA ALA A 13 10.20 -4.60 4.77
C ALA A 13 8.88 -3.98 4.45
N GLU A 14 8.83 -2.62 4.40
CA GLU A 14 7.64 -1.78 4.32
C GLU A 14 6.94 -1.77 2.97
N GLN A 15 7.64 -2.00 1.81
CA GLN A 15 7.05 -1.98 0.46
C GLN A 15 6.23 -3.24 0.20
N ALA A 16 6.62 -4.35 0.90
CA ALA A 16 5.98 -5.66 0.85
C ALA A 16 4.84 -5.82 1.85
N ALA A 17 4.62 -4.81 2.73
CA ALA A 17 3.39 -4.65 3.52
C ALA A 17 2.39 -3.79 2.78
N LYS A 18 2.90 -2.83 1.96
CA LYS A 18 2.18 -1.69 1.43
C LYS A 18 1.33 -2.11 0.25
N ASP A 19 1.66 -3.26 -0.41
CA ASP A 19 0.93 -3.79 -1.55
C ASP A 19 -0.19 -4.72 -1.12
N ALA A 20 -0.29 -4.98 0.21
CA ALA A 20 -1.40 -5.64 0.89
C ALA A 20 -2.45 -4.66 1.37
N GLU A 21 -2.02 -3.45 1.86
CA GLU A 21 -2.85 -2.34 2.34
C GLU A 21 -3.39 -1.48 1.19
N ASN A 22 -2.63 -1.44 0.03
CA ASN A 22 -3.01 -0.80 -1.25
C ASN A 22 -4.23 -1.41 -1.95
N ALA A 23 -4.64 -2.65 -1.56
CA ALA A 23 -5.79 -3.37 -2.11
C ALA A 23 -7.13 -2.82 -1.66
N SER A 24 -7.15 -2.27 -0.42
CA SER A 24 -8.27 -1.58 0.19
C SER A 24 -8.23 -0.08 -0.08
N LYS A 25 -7.15 0.46 -0.71
CA LYS A 25 -6.91 1.89 -0.88
C LYS A 25 -7.50 2.39 -2.17
N GLU A 26 -7.60 1.48 -3.21
CA GLU A 26 -8.03 1.75 -4.58
C GLU A 26 -9.51 2.06 -4.68
N ALA A 27 -10.23 1.72 -3.58
CA ALA A 27 -11.65 1.85 -3.31
C ALA A 27 -12.10 3.27 -2.95
N GLU A 28 -11.15 4.24 -2.99
CA GLU A 28 -11.35 5.68 -2.91
C GLU A 28 -11.54 6.28 -4.28
N GLU A 29 -10.62 5.95 -5.24
CA GLU A 29 -10.62 6.27 -6.65
C GLU A 29 -11.70 5.48 -7.37
N ALA A 30 -12.13 4.34 -6.76
CA ALA A 30 -13.24 3.51 -7.20
C ALA A 30 -14.62 4.07 -6.88
N ALA A 31 -14.73 5.40 -6.58
CA ALA A 31 -15.97 6.18 -6.67
C ALA A 31 -16.11 6.82 -8.04
N LYS A 32 -15.16 6.50 -8.95
CA LYS A 32 -15.09 6.89 -10.34
C LYS A 32 -15.22 5.67 -11.24
N GLU A 33 -14.10 5.04 -11.68
CA GLU A 33 -13.99 4.22 -12.89
C GLU A 33 -14.57 2.82 -12.74
N ALA A 34 -14.82 2.41 -11.48
CA ALA A 34 -15.44 1.16 -11.06
C ALA A 34 -16.95 1.27 -10.92
N VAL A 35 -17.47 2.54 -10.97
CA VAL A 35 -18.85 2.90 -10.73
C VAL A 35 -19.44 3.38 -12.03
N ASN A 36 -18.85 4.43 -12.63
CA ASN A 36 -19.47 5.20 -13.70
C ASN A 36 -18.64 5.21 -14.96
N LEU A 37 -17.31 4.96 -14.85
CA LEU A 37 -16.40 4.63 -15.96
C LEU A 37 -16.02 5.80 -16.87
N LYS A 38 -16.40 7.06 -16.53
CA LYS A 38 -16.40 8.10 -17.54
C LYS A 38 -15.86 9.40 -16.91
N GLU A 1 15.28 13.69 5.82
CA GLU A 1 14.40 13.35 4.68
C GLU A 1 13.31 12.43 5.08
N ALA A 2 13.51 11.09 5.02
CA ALA A 2 12.44 10.15 5.25
C ALA A 2 13.19 8.95 5.76
N TYR A 3 12.47 8.02 6.45
CA TYR A 3 12.95 6.85 7.16
C TYR A 3 13.31 7.21 8.60
N LYS A 4 12.79 6.36 9.52
CA LYS A 4 13.09 6.29 10.94
C LYS A 4 12.49 4.96 11.34
N LYS A 5 13.14 3.85 10.94
CA LYS A 5 12.90 2.47 11.33
C LYS A 5 11.95 1.73 10.40
N ALA A 6 12.35 0.49 10.02
CA ALA A 6 11.55 -0.46 9.25
C ALA A 6 10.80 -1.33 10.21
N LYS A 7 9.83 -2.08 9.64
CA LYS A 7 8.74 -2.69 10.37
C LYS A 7 9.00 -4.16 10.66
N GLN A 8 10.20 -4.65 10.23
CA GLN A 8 10.78 -5.92 10.59
C GLN A 8 12.23 -5.83 10.18
N ALA A 9 12.47 -5.90 8.84
CA ALA A 9 13.78 -6.05 8.24
C ALA A 9 14.30 -4.73 7.72
N SER A 10 13.83 -4.28 6.55
CA SER A 10 14.44 -3.23 5.78
C SER A 10 13.30 -2.73 4.96
N GLN A 11 13.58 -2.04 3.82
CA GLN A 11 12.59 -1.35 2.99
C GLN A 11 11.66 -2.30 2.24
N ASP A 12 12.04 -3.60 2.15
CA ASP A 12 11.20 -4.73 1.78
C ASP A 12 10.12 -5.10 2.81
N ALA A 13 10.26 -4.74 4.12
CA ALA A 13 9.28 -5.06 5.16
C ALA A 13 8.38 -3.88 5.37
N GLU A 14 8.81 -2.72 4.82
CA GLU A 14 8.12 -1.48 4.74
C GLU A 14 7.31 -1.36 3.45
N GLN A 15 7.81 -1.92 2.31
CA GLN A 15 7.18 -1.91 0.98
C GLN A 15 6.12 -2.99 0.83
N ALA A 16 6.39 -4.23 1.31
CA ALA A 16 5.50 -5.39 1.19
C ALA A 16 4.34 -5.35 2.19
N ALA A 17 4.41 -4.33 3.08
CA ALA A 17 3.37 -3.84 3.98
C ALA A 17 2.56 -2.73 3.32
N LYS A 18 3.13 -2.08 2.27
CA LYS A 18 2.55 -0.94 1.55
C LYS A 18 1.72 -1.40 0.40
N ASP A 19 2.03 -2.58 -0.18
CA ASP A 19 1.34 -3.11 -1.35
C ASP A 19 0.14 -3.94 -0.94
N ALA A 20 -0.03 -4.10 0.40
CA ALA A 20 -1.17 -4.70 1.05
C ALA A 20 -2.25 -3.67 1.37
N GLU A 21 -1.85 -2.39 1.65
CA GLU A 21 -2.73 -1.27 1.94
C GLU A 21 -3.12 -0.52 0.68
N ASN A 22 -2.41 -0.79 -0.45
CA ASN A 22 -2.58 -0.16 -1.77
C ASN A 22 -3.72 -0.79 -2.55
N ALA A 23 -4.21 -1.97 -2.08
CA ALA A 23 -5.28 -2.76 -2.74
C ALA A 23 -6.67 -2.15 -2.58
N SER A 24 -6.94 -1.54 -1.40
CA SER A 24 -8.14 -0.82 -1.06
C SER A 24 -8.02 0.66 -1.42
N LYS A 25 -6.79 1.06 -1.81
CA LYS A 25 -6.42 2.37 -2.31
C LYS A 25 -6.53 2.52 -3.81
N GLU A 26 -6.72 1.39 -4.56
CA GLU A 26 -7.32 1.39 -5.89
C GLU A 26 -8.83 1.19 -5.81
N ALA A 27 -9.32 0.66 -4.65
CA ALA A 27 -10.68 0.19 -4.46
C ALA A 27 -11.60 1.29 -3.97
N GLU A 28 -11.05 2.25 -3.15
CA GLU A 28 -11.68 3.46 -2.63
C GLU A 28 -12.06 4.49 -3.69
N GLU A 29 -11.50 4.40 -4.94
CA GLU A 29 -11.56 5.44 -5.96
C GLU A 29 -12.82 5.41 -6.82
N ALA A 30 -13.74 4.43 -6.57
CA ALA A 30 -15.08 4.40 -7.15
C ALA A 30 -16.04 5.36 -6.43
N ALA A 31 -16.02 5.32 -5.07
CA ALA A 31 -16.81 6.16 -4.17
C ALA A 31 -16.04 7.42 -3.83
N LYS A 32 -14.85 7.21 -3.20
CA LYS A 32 -13.88 8.22 -2.74
C LYS A 32 -14.33 8.82 -1.43
N GLU A 33 -14.03 8.17 -0.27
CA GLU A 33 -14.47 8.65 1.04
C GLU A 33 -13.37 9.44 1.73
N ALA A 34 -12.14 9.29 1.16
CA ALA A 34 -10.91 9.96 1.51
C ALA A 34 -10.71 11.23 0.72
N VAL A 35 -10.64 11.08 -0.64
CA VAL A 35 -10.09 12.08 -1.56
C VAL A 35 -11.22 12.85 -2.24
N ASN A 36 -12.44 12.77 -1.65
CA ASN A 36 -13.65 13.43 -2.02
C ASN A 36 -14.39 13.27 -0.71
N LEU A 37 -15.44 14.08 -0.42
CA LEU A 37 -16.28 13.92 0.76
C LEU A 37 -17.59 14.57 0.36
N LYS A 38 -17.98 14.61 -0.95
CA LYS A 38 -19.18 15.26 -1.35
C LYS A 38 -19.56 14.70 -2.73
N GLU A 1 6.75 -6.48 -7.09
CA GLU A 1 8.01 -6.40 -6.32
C GLU A 1 7.62 -6.50 -4.88
N ALA A 2 8.47 -7.21 -4.08
CA ALA A 2 8.32 -7.58 -2.69
C ALA A 2 7.32 -8.72 -2.48
N TYR A 3 7.46 -9.47 -1.37
CA TYR A 3 6.59 -10.57 -1.02
C TYR A 3 6.61 -10.79 0.47
N LYS A 4 7.80 -11.01 1.07
CA LYS A 4 7.91 -11.35 2.48
C LYS A 4 9.29 -10.88 2.83
N LYS A 5 9.40 -9.73 3.52
CA LYS A 5 10.64 -9.03 3.73
C LYS A 5 10.41 -8.43 5.07
N ALA A 6 11.48 -8.09 5.81
CA ALA A 6 11.46 -7.41 7.09
C ALA A 6 11.52 -5.91 6.90
N LYS A 7 10.88 -5.16 7.82
CA LYS A 7 10.61 -3.74 7.73
C LYS A 7 11.68 -2.96 8.45
N GLN A 8 12.84 -2.76 7.77
CA GLN A 8 14.05 -2.19 8.31
C GLN A 8 14.68 -1.22 7.34
N ALA A 9 14.39 -1.28 6.01
CA ALA A 9 15.11 -0.47 5.04
C ALA A 9 14.36 0.79 4.70
N SER A 10 13.20 0.71 4.04
CA SER A 10 12.50 1.90 3.61
C SER A 10 11.11 1.42 3.29
N GLN A 11 10.52 1.90 2.16
CA GLN A 11 9.13 1.66 1.80
C GLN A 11 8.98 0.38 0.99
N ASP A 12 10.15 -0.13 0.51
CA ASP A 12 10.43 -1.40 -0.17
C ASP A 12 10.57 -2.53 0.84
N ALA A 13 10.51 -2.14 2.12
CA ALA A 13 10.53 -2.99 3.28
C ALA A 13 9.19 -2.93 3.94
N GLU A 14 8.37 -1.91 3.55
CA GLU A 14 7.00 -1.62 3.97
C GLU A 14 6.07 -2.34 3.01
N GLN A 15 6.33 -2.29 1.67
CA GLN A 15 5.58 -2.87 0.55
C GLN A 15 5.46 -4.39 0.54
N ALA A 16 6.22 -5.09 1.40
CA ALA A 16 5.97 -6.51 1.68
C ALA A 16 4.93 -6.76 2.76
N ALA A 17 4.64 -5.76 3.63
CA ALA A 17 3.48 -5.70 4.53
C ALA A 17 2.30 -5.00 3.89
N LYS A 18 2.61 -3.90 3.13
CA LYS A 18 1.76 -2.80 2.73
C LYS A 18 1.00 -3.09 1.46
N ASP A 19 1.34 -4.20 0.75
CA ASP A 19 0.64 -4.65 -0.46
C ASP A 19 -0.58 -5.49 -0.13
N ALA A 20 -0.99 -5.42 1.16
CA ALA A 20 -2.22 -5.88 1.76
C ALA A 20 -3.28 -4.79 1.76
N GLU A 21 -2.88 -3.53 2.13
CA GLU A 21 -3.76 -2.37 2.33
C GLU A 21 -3.90 -1.57 1.06
N ASN A 22 -3.01 -1.85 0.05
CA ASN A 22 -2.93 -1.23 -1.28
C ASN A 22 -4.19 -1.48 -2.11
N ALA A 23 -4.91 -2.58 -1.78
CA ALA A 23 -6.20 -3.01 -2.30
C ALA A 23 -7.38 -2.13 -1.88
N SER A 24 -7.32 -1.53 -0.67
CA SER A 24 -8.25 -0.51 -0.17
C SER A 24 -7.80 0.89 -0.49
N LYS A 25 -6.52 1.09 -0.86
CA LYS A 25 -5.96 2.39 -1.23
C LYS A 25 -6.07 2.68 -2.73
N GLU A 26 -6.36 1.64 -3.56
CA GLU A 26 -6.75 1.76 -4.98
C GLU A 26 -8.24 1.99 -5.08
N ALA A 27 -8.99 1.47 -4.07
CA ALA A 27 -10.43 1.55 -3.90
C ALA A 27 -10.85 2.87 -3.30
N GLU A 28 -9.84 3.74 -3.07
CA GLU A 28 -9.90 5.11 -2.56
C GLU A 28 -10.36 6.08 -3.64
N GLU A 29 -9.62 6.07 -4.78
CA GLU A 29 -9.89 6.87 -5.96
C GLU A 29 -10.81 6.14 -6.91
N ALA A 30 -10.87 4.79 -6.90
CA ALA A 30 -11.71 4.03 -7.83
C ALA A 30 -13.17 3.92 -7.43
N ALA A 31 -13.47 4.04 -6.11
CA ALA A 31 -14.82 4.17 -5.58
C ALA A 31 -15.28 5.62 -5.43
N LYS A 32 -14.45 6.65 -5.81
CA LYS A 32 -14.61 8.07 -5.43
C LYS A 32 -15.79 8.79 -6.06
N GLU A 33 -15.98 8.66 -7.41
CA GLU A 33 -17.12 9.19 -8.16
C GLU A 33 -18.21 8.14 -8.25
N ALA A 34 -17.79 6.89 -7.95
CA ALA A 34 -18.47 5.65 -8.25
C ALA A 34 -19.39 5.24 -7.13
N VAL A 35 -18.94 5.30 -5.84
CA VAL A 35 -19.69 5.08 -4.61
C VAL A 35 -20.17 3.62 -4.42
N ASN A 36 -19.55 2.67 -5.17
CA ASN A 36 -20.00 1.31 -5.24
C ASN A 36 -18.84 0.47 -5.72
N LEU A 37 -18.49 0.67 -7.03
CA LEU A 37 -17.48 0.01 -7.82
C LEU A 37 -17.85 -1.44 -8.18
N LYS A 38 -19.15 -1.72 -8.50
CA LYS A 38 -19.58 -3.04 -8.93
C LYS A 38 -20.75 -2.82 -9.91
N GLU A 1 22.65 -3.72 -0.40
CA GLU A 1 23.66 -4.77 -0.11
C GLU A 1 25.06 -4.35 -0.41
N ALA A 2 25.38 -3.94 -1.67
CA ALA A 2 26.72 -3.50 -2.08
C ALA A 2 27.07 -2.07 -1.67
N TYR A 3 26.06 -1.21 -1.42
CA TYR A 3 26.31 0.13 -0.92
C TYR A 3 24.96 0.44 -0.35
N LYS A 4 24.86 1.55 0.43
CA LYS A 4 23.69 2.09 1.13
C LYS A 4 23.41 1.40 2.47
N LYS A 5 24.42 0.60 2.96
CA LYS A 5 24.50 -0.05 4.27
C LYS A 5 23.68 -1.32 4.31
N ALA A 6 22.36 -1.17 4.58
CA ALA A 6 21.39 -2.25 4.59
C ALA A 6 20.76 -2.40 3.23
N LYS A 7 19.51 -1.87 3.12
CA LYS A 7 18.73 -1.75 1.92
C LYS A 7 18.87 -0.31 1.48
N GLN A 8 18.39 0.04 0.27
CA GLN A 8 18.63 1.30 -0.42
C GLN A 8 17.99 2.52 0.24
N ALA A 9 16.67 2.71 0.08
CA ALA A 9 15.91 3.70 0.84
C ALA A 9 15.14 3.01 1.94
N SER A 10 14.81 1.70 1.72
CA SER A 10 14.01 0.80 2.53
C SER A 10 12.51 1.04 2.47
N GLN A 11 12.05 1.61 1.33
CA GLN A 11 10.67 2.01 1.08
C GLN A 11 9.84 0.85 0.56
N ASP A 12 10.49 -0.05 -0.22
CA ASP A 12 9.95 -1.26 -0.85
C ASP A 12 9.88 -2.40 0.13
N ALA A 13 10.48 -2.19 1.33
CA ALA A 13 10.52 -3.13 2.43
C ALA A 13 9.39 -2.85 3.39
N GLU A 14 8.86 -1.59 3.35
CA GLU A 14 7.73 -1.11 4.11
C GLU A 14 6.47 -1.30 3.31
N GLN A 15 6.52 -0.92 2.01
CA GLN A 15 5.39 -0.79 1.09
C GLN A 15 4.88 -2.15 0.65
N ALA A 16 5.75 -3.18 0.77
CA ALA A 16 5.40 -4.59 0.68
C ALA A 16 4.52 -5.10 1.82
N ALA A 17 4.51 -4.46 3.03
CA ALA A 17 3.64 -4.90 4.12
C ALA A 17 2.26 -4.26 4.10
N LYS A 18 2.10 -3.11 3.39
CA LYS A 18 0.87 -2.32 3.38
C LYS A 18 -0.08 -2.78 2.32
N ASP A 19 0.47 -3.43 1.24
CA ASP A 19 -0.24 -3.82 0.02
C ASP A 19 -1.07 -5.11 0.15
N ALA A 20 -1.25 -5.56 1.42
CA ALA A 20 -2.17 -6.56 1.90
C ALA A 20 -3.49 -5.94 2.32
N GLU A 21 -3.44 -4.65 2.80
CA GLU A 21 -4.58 -3.83 3.17
C GLU A 21 -5.02 -3.04 1.96
N ASN A 22 -4.04 -2.63 1.09
CA ASN A 22 -4.26 -1.80 -0.11
C ASN A 22 -4.94 -2.54 -1.25
N ALA A 23 -5.15 -3.88 -1.12
CA ALA A 23 -5.81 -4.70 -2.12
C ALA A 23 -7.31 -4.51 -2.15
N SER A 24 -7.94 -4.17 -0.98
CA SER A 24 -9.32 -3.66 -0.89
C SER A 24 -9.34 -2.15 -0.93
N LYS A 25 -8.23 -1.48 -0.51
CA LYS A 25 -8.09 -0.04 -0.43
C LYS A 25 -7.55 0.58 -1.70
N GLU A 26 -7.76 -0.14 -2.84
CA GLU A 26 -7.44 0.25 -4.20
C GLU A 26 -8.53 1.11 -4.82
N ALA A 27 -9.69 1.21 -4.07
CA ALA A 27 -10.79 2.16 -4.26
C ALA A 27 -10.41 3.62 -4.01
N GLU A 28 -9.33 3.86 -3.19
CA GLU A 28 -8.82 5.17 -2.76
C GLU A 28 -8.19 6.00 -3.86
N GLU A 29 -7.93 5.44 -5.06
CA GLU A 29 -7.50 6.21 -6.23
C GLU A 29 -8.63 6.70 -7.13
N ALA A 30 -9.60 5.82 -7.50
CA ALA A 30 -10.64 6.11 -8.48
C ALA A 30 -11.88 6.69 -7.83
N ALA A 31 -12.15 6.29 -6.55
CA ALA A 31 -13.20 6.87 -5.71
C ALA A 31 -12.66 8.03 -4.90
N LYS A 32 -11.45 7.87 -4.27
CA LYS A 32 -10.71 8.90 -3.54
C LYS A 32 -11.27 9.18 -2.16
N GLU A 33 -11.26 8.12 -1.31
CA GLU A 33 -12.10 8.00 -0.11
C GLU A 33 -11.68 8.91 1.04
N ALA A 34 -10.35 9.19 1.07
CA ALA A 34 -9.68 10.02 2.06
C ALA A 34 -9.65 11.48 1.62
N VAL A 35 -9.80 11.77 0.31
CA VAL A 35 -9.57 13.10 -0.27
C VAL A 35 -10.90 13.81 -0.47
N ASN A 36 -11.99 13.01 -0.65
CA ASN A 36 -13.36 13.44 -0.94
C ASN A 36 -14.07 13.70 0.38
N LEU A 37 -14.49 12.61 1.09
CA LEU A 37 -15.12 12.57 2.41
C LEU A 37 -16.61 12.27 2.28
N LYS A 38 -17.19 12.30 1.04
CA LYS A 38 -18.62 12.17 0.81
C LYS A 38 -18.98 10.87 0.04
N GLU A 1 18.87 -9.05 13.37
CA GLU A 1 19.60 -10.32 13.27
C GLU A 1 21.03 -9.90 13.16
N ALA A 2 21.85 -10.60 12.33
CA ALA A 2 23.23 -10.23 12.11
C ALA A 2 23.59 -10.86 10.78
N TYR A 3 23.08 -10.25 9.67
CA TYR A 3 23.31 -10.57 8.27
C TYR A 3 22.24 -11.55 7.81
N LYS A 4 22.60 -12.87 7.69
CA LYS A 4 21.79 -13.99 7.25
C LYS A 4 21.60 -14.04 5.74
N LYS A 5 20.52 -13.38 5.24
CA LYS A 5 20.17 -13.30 3.82
C LYS A 5 19.64 -11.90 3.61
N ALA A 6 20.44 -10.88 4.04
CA ALA A 6 20.14 -9.46 3.94
C ALA A 6 20.67 -8.91 2.63
N LYS A 7 19.74 -8.61 1.69
CA LYS A 7 19.99 -8.30 0.29
C LYS A 7 19.95 -6.83 -0.02
N GLN A 8 19.55 -5.98 0.95
CA GLN A 8 19.04 -4.66 0.72
C GLN A 8 18.88 -4.29 2.17
N ALA A 9 18.17 -3.17 2.47
CA ALA A 9 17.71 -2.84 3.81
C ALA A 9 16.24 -3.20 3.89
N SER A 10 15.55 -2.71 4.93
CA SER A 10 14.20 -3.13 5.31
C SER A 10 13.14 -2.21 4.76
N GLN A 11 13.36 -1.80 3.47
CA GLN A 11 12.57 -0.96 2.59
C GLN A 11 11.58 -1.81 1.82
N ASP A 12 12.02 -3.07 1.52
CA ASP A 12 11.35 -4.08 0.71
C ASP A 12 10.52 -4.97 1.61
N ALA A 13 10.44 -4.59 2.89
CA ALA A 13 9.55 -5.10 3.90
C ALA A 13 8.63 -4.00 4.36
N GLU A 14 8.87 -2.72 3.95
CA GLU A 14 7.96 -1.59 4.21
C GLU A 14 6.98 -1.46 3.07
N GLN A 15 7.46 -1.66 1.81
CA GLN A 15 6.70 -1.49 0.59
C GLN A 15 5.75 -2.65 0.36
N ALA A 16 6.25 -3.89 0.57
CA ALA A 16 5.52 -5.15 0.43
C ALA A 16 4.75 -5.50 1.69
N ALA A 17 4.77 -4.58 2.68
CA ALA A 17 3.84 -4.45 3.80
C ALA A 17 2.68 -3.52 3.45
N LYS A 18 2.86 -2.59 2.46
CA LYS A 18 2.00 -1.43 2.24
C LYS A 18 0.85 -1.79 1.33
N ASP A 19 1.10 -2.67 0.33
CA ASP A 19 0.20 -3.05 -0.78
C ASP A 19 -0.68 -4.22 -0.39
N ALA A 20 -0.92 -4.34 0.93
CA ALA A 20 -2.00 -5.01 1.60
C ALA A 20 -3.14 -4.02 1.81
N GLU A 21 -2.85 -2.83 2.42
CA GLU A 21 -3.81 -1.86 2.94
C GLU A 21 -4.15 -0.84 1.88
N ASN A 22 -3.09 -0.55 1.06
CA ASN A 22 -3.02 0.36 -0.08
C ASN A 22 -3.81 -0.18 -1.28
N ALA A 23 -4.04 -1.52 -1.30
CA ALA A 23 -4.73 -2.25 -2.35
C ALA A 23 -6.24 -2.10 -2.32
N SER A 24 -6.80 -1.79 -1.13
CA SER A 24 -8.20 -1.41 -0.90
C SER A 24 -8.36 0.10 -0.98
N LYS A 25 -7.25 0.87 -0.75
CA LYS A 25 -7.20 2.34 -0.77
C LYS A 25 -7.14 2.85 -2.20
N GLU A 26 -6.53 2.02 -3.10
CA GLU A 26 -6.52 2.09 -4.56
C GLU A 26 -7.91 2.01 -5.18
N ALA A 27 -8.79 1.15 -4.59
CA ALA A 27 -10.16 0.92 -5.01
C ALA A 27 -11.18 1.82 -4.32
N GLU A 28 -10.72 2.83 -3.52
CA GLU A 28 -11.60 3.74 -2.77
C GLU A 28 -12.01 4.99 -3.56
N GLU A 29 -11.24 5.38 -4.62
CA GLU A 29 -11.47 6.54 -5.48
C GLU A 29 -12.34 6.16 -6.68
N ALA A 30 -12.14 4.90 -7.20
CA ALA A 30 -12.86 4.29 -8.32
C ALA A 30 -14.30 3.90 -7.96
N ALA A 31 -14.59 3.92 -6.63
CA ALA A 31 -15.89 3.79 -6.00
C ALA A 31 -16.69 5.09 -6.00
N LYS A 32 -16.11 6.17 -6.58
CA LYS A 32 -16.66 7.51 -6.60
C LYS A 32 -16.52 8.17 -7.96
N GLU A 33 -15.39 7.99 -8.73
CA GLU A 33 -15.07 8.69 -10.01
C GLU A 33 -16.11 8.50 -11.10
N ALA A 34 -16.63 7.25 -11.16
CA ALA A 34 -17.76 6.81 -11.94
C ALA A 34 -19.04 6.93 -11.13
N VAL A 35 -19.31 5.87 -10.31
CA VAL A 35 -20.43 5.74 -9.37
C VAL A 35 -20.17 4.50 -8.52
N ASN A 36 -19.66 3.39 -9.12
CA ASN A 36 -19.60 2.10 -8.46
C ASN A 36 -18.25 1.54 -8.81
N LEU A 37 -18.13 0.82 -9.97
CA LEU A 37 -16.91 0.20 -10.48
C LEU A 37 -16.37 -0.91 -9.59
N LYS A 38 -17.26 -1.61 -8.85
CA LYS A 38 -16.84 -2.46 -7.77
C LYS A 38 -17.99 -3.44 -7.48
N GLU A 1 17.43 4.78 -9.81
CA GLU A 1 17.45 3.78 -10.91
C GLU A 1 16.91 2.50 -10.38
N ALA A 2 16.94 1.42 -11.20
CA ALA A 2 16.70 0.06 -10.79
C ALA A 2 17.85 -0.67 -11.39
N TYR A 3 18.38 -1.64 -10.63
CA TYR A 3 19.56 -2.43 -10.88
C TYR A 3 19.14 -3.73 -10.22
N LYS A 4 19.57 -3.95 -8.95
CA LYS A 4 19.18 -5.09 -8.16
C LYS A 4 19.62 -4.70 -6.78
N LYS A 5 18.83 -5.07 -5.74
CA LYS A 5 19.19 -5.08 -4.34
C LYS A 5 18.27 -6.20 -3.91
N ALA A 6 18.64 -6.99 -2.86
CA ALA A 6 17.80 -7.99 -2.22
C ALA A 6 17.03 -7.41 -1.04
N LYS A 7 16.88 -8.24 0.02
CA LYS A 7 16.40 -7.93 1.36
C LYS A 7 17.65 -7.82 2.20
N GLN A 8 17.90 -6.62 2.78
CA GLN A 8 19.17 -6.24 3.36
C GLN A 8 18.82 -5.36 4.55
N ALA A 9 18.19 -4.18 4.32
CA ALA A 9 17.65 -3.31 5.38
C ALA A 9 16.15 -3.57 5.44
N SER A 10 15.31 -2.55 5.74
CA SER A 10 13.87 -2.77 5.95
C SER A 10 13.04 -2.28 4.82
N GLN A 11 13.63 -2.07 3.62
CA GLN A 11 12.96 -1.40 2.51
C GLN A 11 12.06 -2.30 1.68
N ASP A 12 12.08 -3.62 1.98
CA ASP A 12 11.18 -4.62 1.38
C ASP A 12 10.04 -4.90 2.36
N ALA A 13 10.38 -4.75 3.67
CA ALA A 13 9.61 -5.11 4.86
C ALA A 13 8.64 -4.03 5.25
N GLU A 14 8.99 -2.76 4.89
CA GLU A 14 8.13 -1.58 5.03
C GLU A 14 7.31 -1.35 3.77
N GLN A 15 7.69 -2.05 2.66
CA GLN A 15 7.08 -2.00 1.34
C GLN A 15 5.99 -3.03 1.20
N ALA A 16 6.21 -4.24 1.81
CA ALA A 16 5.30 -5.39 1.74
C ALA A 16 3.95 -5.17 2.42
N ALA A 17 3.93 -4.16 3.34
CA ALA A 17 2.75 -3.64 4.00
C ALA A 17 2.10 -2.52 3.18
N LYS A 18 2.81 -1.94 2.18
CA LYS A 18 2.31 -0.87 1.31
C LYS A 18 1.48 -1.48 0.20
N ASP A 19 1.84 -2.71 -0.23
CA ASP A 19 1.10 -3.49 -1.22
C ASP A 19 -0.03 -4.32 -0.57
N ALA A 20 -0.19 -4.15 0.77
CA ALA A 20 -1.35 -4.53 1.55
C ALA A 20 -2.36 -3.40 1.62
N GLU A 21 -1.87 -2.11 1.72
CA GLU A 21 -2.69 -0.91 1.91
C GLU A 21 -3.16 -0.36 0.59
N ASN A 22 -2.24 -0.26 -0.41
CA ASN A 22 -2.39 0.17 -1.81
C ASN A 22 -3.27 -0.73 -2.60
N ALA A 23 -3.64 -1.91 -2.06
CA ALA A 23 -4.52 -2.91 -2.64
C ALA A 23 -5.98 -2.50 -2.59
N SER A 24 -6.39 -1.72 -1.54
CA SER A 24 -7.73 -1.19 -1.35
C SER A 24 -7.92 0.18 -1.96
N LYS A 25 -6.80 0.92 -2.19
CA LYS A 25 -6.77 2.33 -2.54
C LYS A 25 -7.30 2.67 -3.94
N GLU A 26 -7.28 1.63 -4.82
CA GLU A 26 -7.86 1.60 -6.17
C GLU A 26 -9.36 1.27 -6.17
N ALA A 27 -9.88 0.62 -5.08
CA ALA A 27 -11.29 0.26 -4.92
C ALA A 27 -12.06 1.35 -4.22
N GLU A 28 -11.43 1.99 -3.19
CA GLU A 28 -11.93 3.14 -2.42
C GLU A 28 -11.84 4.48 -3.18
N GLU A 29 -11.29 4.48 -4.42
CA GLU A 29 -11.14 5.61 -5.34
C GLU A 29 -12.41 5.83 -6.13
N ALA A 30 -13.16 4.74 -6.47
CA ALA A 30 -14.38 4.77 -7.27
C ALA A 30 -15.59 5.14 -6.43
N ALA A 31 -15.40 5.02 -5.08
CA ALA A 31 -16.29 5.49 -4.02
C ALA A 31 -16.13 6.96 -3.77
N LYS A 32 -15.01 7.57 -4.24
CA LYS A 32 -14.76 8.99 -4.12
C LYS A 32 -15.48 9.80 -5.18
N GLU A 33 -15.40 9.41 -6.49
CA GLU A 33 -15.90 10.24 -7.58
C GLU A 33 -17.26 9.81 -8.09
N ALA A 34 -17.82 8.66 -7.64
CA ALA A 34 -19.19 8.22 -7.95
C ALA A 34 -20.24 8.67 -6.93
N VAL A 35 -19.99 8.44 -5.61
CA VAL A 35 -20.98 8.29 -4.55
C VAL A 35 -21.17 9.61 -3.80
N ASN A 36 -20.26 10.55 -4.06
CA ASN A 36 -20.23 11.90 -3.58
C ASN A 36 -19.38 12.47 -4.68
N LEU A 37 -19.24 13.80 -4.77
CA LEU A 37 -18.30 14.41 -5.70
C LEU A 37 -17.99 15.71 -5.01
N LYS A 38 -17.44 15.66 -3.77
CA LYS A 38 -17.04 16.86 -3.04
C LYS A 38 -15.53 17.07 -3.13
N GLU A 1 7.06 -13.45 18.52
CA GLU A 1 6.98 -12.57 17.33
C GLU A 1 6.11 -13.16 16.28
N ALA A 2 4.88 -12.60 16.13
CA ALA A 2 4.02 -12.81 15.00
C ALA A 2 2.94 -11.79 15.31
N TYR A 3 2.20 -11.31 14.27
CA TYR A 3 1.01 -10.45 14.33
C TYR A 3 1.29 -8.99 14.69
N LYS A 4 2.58 -8.56 14.73
CA LYS A 4 2.96 -7.26 15.26
C LYS A 4 3.11 -6.34 14.09
N LYS A 5 2.60 -5.09 14.25
CA LYS A 5 2.46 -4.11 13.20
C LYS A 5 3.39 -2.96 13.50
N ALA A 6 4.12 -3.08 14.65
CA ALA A 6 5.12 -2.15 15.14
C ALA A 6 6.51 -2.49 14.66
N LYS A 7 6.98 -3.74 14.95
CA LYS A 7 8.26 -4.26 14.57
C LYS A 7 8.04 -5.15 13.36
N GLN A 8 9.04 -5.30 12.48
CA GLN A 8 8.89 -5.96 11.21
C GLN A 8 10.31 -6.28 10.90
N ALA A 9 10.56 -6.83 9.67
CA ALA A 9 11.76 -7.55 9.31
C ALA A 9 12.84 -6.63 8.81
N SER A 10 12.54 -5.71 7.86
CA SER A 10 13.52 -4.88 7.20
C SER A 10 12.64 -4.24 6.19
N GLN A 11 13.24 -3.66 5.09
CA GLN A 11 12.62 -2.95 3.98
C GLN A 11 11.68 -3.82 3.14
N ASP A 12 11.89 -5.15 3.23
CA ASP A 12 11.17 -6.21 2.57
C ASP A 12 9.83 -6.47 3.22
N ALA A 13 9.66 -5.96 4.47
CA ALA A 13 8.42 -6.00 5.21
C ALA A 13 7.77 -4.62 5.17
N GLU A 14 8.55 -3.56 4.79
CA GLU A 14 8.13 -2.18 4.68
C GLU A 14 7.54 -1.91 3.30
N GLN A 15 8.09 -2.58 2.24
CA GLN A 15 7.72 -2.51 0.83
C GLN A 15 6.37 -3.18 0.61
N ALA A 16 6.21 -4.33 1.30
CA ALA A 16 5.08 -5.24 1.31
C ALA A 16 3.90 -4.67 2.09
N ALA A 17 4.19 -3.61 2.91
CA ALA A 17 3.21 -2.84 3.67
C ALA A 17 2.66 -1.65 2.90
N LYS A 18 3.40 -1.17 1.84
CA LYS A 18 2.99 -0.04 1.01
C LYS A 18 2.13 -0.49 -0.16
N ASP A 19 2.41 -1.70 -0.70
CA ASP A 19 1.62 -2.33 -1.78
C ASP A 19 0.44 -3.10 -1.22
N ALA A 20 0.26 -3.07 0.13
CA ALA A 20 -0.86 -3.60 0.88
C ALA A 20 -1.96 -2.56 1.04
N GLU A 21 -1.61 -1.26 1.26
CA GLU A 21 -2.56 -0.17 1.42
C GLU A 21 -2.92 0.48 0.09
N ASN A 22 -2.05 0.32 -0.95
CA ASN A 22 -2.26 0.81 -2.32
C ASN A 22 -3.51 0.21 -3.01
N ALA A 23 -3.80 -1.10 -2.74
CA ALA A 23 -4.95 -1.85 -3.28
C ALA A 23 -6.30 -1.45 -2.71
N SER A 24 -6.30 -0.77 -1.53
CA SER A 24 -7.45 -0.14 -0.90
C SER A 24 -7.59 1.30 -1.34
N LYS A 25 -6.50 1.88 -1.89
CA LYS A 25 -6.35 3.28 -2.25
C LYS A 25 -6.80 3.51 -3.70
N GLU A 26 -6.62 2.47 -4.56
CA GLU A 26 -7.17 2.43 -5.92
C GLU A 26 -8.59 1.89 -5.93
N ALA A 27 -9.04 1.34 -4.76
CA ALA A 27 -10.38 0.81 -4.55
C ALA A 27 -11.32 1.89 -4.04
N GLU A 28 -10.74 3.07 -3.67
CA GLU A 28 -11.36 4.25 -2.99
C GLU A 28 -12.58 4.85 -3.68
N GLU A 29 -12.48 5.06 -5.03
CA GLU A 29 -13.45 5.74 -5.88
C GLU A 29 -14.52 4.80 -6.42
N ALA A 30 -14.29 3.47 -6.26
CA ALA A 30 -15.12 2.35 -6.67
C ALA A 30 -16.15 2.09 -5.58
N ALA A 31 -15.71 2.28 -4.30
CA ALA A 31 -16.54 2.24 -3.10
C ALA A 31 -17.18 3.60 -2.77
N LYS A 32 -17.50 4.35 -3.84
CA LYS A 32 -18.40 5.48 -3.87
C LYS A 32 -19.27 5.19 -5.05
N GLU A 33 -18.75 5.27 -6.31
CA GLU A 33 -19.53 5.23 -7.54
C GLU A 33 -20.24 3.92 -7.91
N ALA A 34 -19.69 2.76 -7.47
CA ALA A 34 -20.30 1.45 -7.69
C ALA A 34 -21.21 1.03 -6.54
N VAL A 35 -20.96 1.59 -5.33
CA VAL A 35 -21.51 1.07 -4.07
C VAL A 35 -22.69 1.91 -3.66
N ASN A 36 -22.76 3.17 -4.14
CA ASN A 36 -23.81 4.11 -3.85
C ASN A 36 -23.64 5.06 -4.98
N LEU A 37 -24.09 6.31 -4.82
CA LEU A 37 -23.80 7.38 -5.73
C LEU A 37 -24.38 8.55 -4.99
N LYS A 38 -24.03 8.69 -3.69
CA LYS A 38 -24.61 9.73 -2.85
C LYS A 38 -23.50 10.60 -2.28
N GLU A 1 2.37 -11.19 16.50
CA GLU A 1 0.96 -11.46 16.14
C GLU A 1 0.21 -10.23 16.53
N ALA A 2 -0.13 -10.06 17.83
CA ALA A 2 -0.79 -8.86 18.35
C ALA A 2 0.21 -7.97 19.05
N TYR A 3 1.39 -7.81 18.41
CA TYR A 3 2.54 -7.12 18.95
C TYR A 3 2.90 -6.09 17.92
N LYS A 4 4.19 -6.06 17.45
CA LYS A 4 4.67 -5.15 16.41
C LYS A 4 4.50 -5.79 15.07
N LYS A 5 4.39 -7.15 15.04
CA LYS A 5 4.03 -7.97 13.91
C LYS A 5 5.29 -8.35 13.14
N ALA A 6 5.60 -7.70 12.00
CA ALA A 6 6.85 -7.86 11.25
C ALA A 6 7.85 -6.84 11.74
N LYS A 7 9.15 -6.99 11.36
CA LYS A 7 10.21 -6.07 11.67
C LYS A 7 10.40 -5.22 10.45
N GLN A 8 9.93 -3.93 10.52
CA GLN A 8 10.02 -2.91 9.49
C GLN A 8 11.43 -2.35 9.51
N ALA A 9 12.26 -2.94 8.62
CA ALA A 9 13.71 -2.93 8.67
C ALA A 9 14.22 -1.89 7.72
N SER A 10 13.58 -1.81 6.54
CA SER A 10 13.86 -0.87 5.51
C SER A 10 12.76 -1.10 4.56
N GLN A 11 12.86 -0.44 3.37
CA GLN A 11 11.83 -0.24 2.36
C GLN A 11 11.38 -1.52 1.70
N ASP A 12 12.20 -2.59 1.71
CA ASP A 12 11.88 -3.96 1.30
C ASP A 12 10.82 -4.64 2.13
N ALA A 13 10.76 -4.25 3.44
CA ALA A 13 9.78 -4.80 4.38
C ALA A 13 8.57 -3.91 4.38
N GLU A 14 8.79 -2.57 4.34
CA GLU A 14 7.77 -1.54 4.45
C GLU A 14 7.03 -1.27 3.15
N GLN A 15 7.63 -1.65 1.98
CA GLN A 15 7.02 -1.67 0.65
C GLN A 15 6.21 -2.90 0.41
N ALA A 16 6.69 -4.09 0.86
CA ALA A 16 6.00 -5.38 0.69
C ALA A 16 4.76 -5.50 1.55
N ALA A 17 4.82 -4.89 2.77
CA ALA A 17 3.71 -4.75 3.71
C ALA A 17 2.64 -3.73 3.31
N LYS A 18 2.95 -2.85 2.32
CA LYS A 18 2.14 -1.72 1.85
C LYS A 18 1.04 -2.17 0.91
N ASP A 19 1.30 -3.28 0.18
CA ASP A 19 0.49 -3.86 -0.91
C ASP A 19 -0.76 -4.58 -0.41
N ALA A 20 -0.85 -4.74 0.95
CA ALA A 20 -1.93 -5.36 1.67
C ALA A 20 -3.00 -4.36 2.06
N GLU A 21 -2.58 -3.12 2.43
CA GLU A 21 -3.45 -1.99 2.76
C GLU A 21 -3.77 -1.18 1.54
N ASN A 22 -2.75 -0.90 0.67
CA ASN A 22 -2.85 -0.03 -0.52
C ASN A 22 -3.66 -0.64 -1.66
N ALA A 23 -4.16 -1.88 -1.46
CA ALA A 23 -4.95 -2.67 -2.37
C ALA A 23 -6.42 -2.34 -2.23
N SER A 24 -6.83 -1.86 -1.03
CA SER A 24 -8.17 -1.35 -0.74
C SER A 24 -8.30 0.14 -1.02
N LYS A 25 -7.15 0.83 -1.21
CA LYS A 25 -7.00 2.28 -1.40
C LYS A 25 -7.15 2.70 -2.84
N GLU A 26 -7.05 1.72 -3.76
CA GLU A 26 -7.39 1.87 -5.17
C GLU A 26 -8.90 1.70 -5.41
N ALA A 27 -9.66 1.13 -4.44
CA ALA A 27 -11.09 0.94 -4.53
C ALA A 27 -11.84 2.15 -3.98
N GLU A 28 -11.16 2.87 -3.04
CA GLU A 28 -11.53 4.16 -2.43
C GLU A 28 -11.74 5.27 -3.45
N GLU A 29 -10.89 5.34 -4.52
CA GLU A 29 -10.97 6.31 -5.60
C GLU A 29 -11.81 5.88 -6.79
N ALA A 30 -12.24 4.59 -6.94
CA ALA A 30 -13.13 4.15 -8.03
C ALA A 30 -14.59 4.53 -7.78
N ALA A 31 -14.90 4.79 -6.49
CA ALA A 31 -16.13 5.38 -6.04
C ALA A 31 -16.11 6.91 -6.01
N LYS A 32 -15.30 7.58 -6.87
CA LYS A 32 -15.35 9.03 -7.13
C LYS A 32 -16.05 9.31 -8.45
N GLU A 33 -15.46 8.94 -9.61
CA GLU A 33 -15.91 9.33 -10.94
C GLU A 33 -16.92 8.34 -11.48
N ALA A 34 -16.80 7.07 -11.05
CA ALA A 34 -17.76 6.02 -11.31
C ALA A 34 -18.80 5.90 -10.22
N VAL A 35 -18.37 5.92 -8.92
CA VAL A 35 -19.22 5.94 -7.72
C VAL A 35 -19.55 4.52 -7.26
N ASN A 36 -19.27 3.51 -8.10
CA ASN A 36 -19.74 2.16 -7.94
C ASN A 36 -18.82 1.35 -8.79
N LEU A 37 -19.03 1.56 -10.12
CA LEU A 37 -18.42 0.96 -11.27
C LEU A 37 -19.33 -0.14 -11.79
N LYS A 38 -20.68 0.06 -11.75
CA LYS A 38 -21.61 -0.89 -12.35
C LYS A 38 -22.94 -0.14 -12.59
N GLU A 1 8.33 -17.82 -14.26
CA GLU A 1 9.03 -16.93 -13.31
C GLU A 1 7.90 -16.52 -12.40
N ALA A 2 8.20 -16.09 -11.16
CA ALA A 2 7.24 -15.73 -10.18
C ALA A 2 8.16 -15.28 -9.08
N TYR A 3 7.62 -15.12 -7.86
CA TYR A 3 8.30 -14.61 -6.71
C TYR A 3 7.63 -15.48 -5.67
N LYS A 4 7.88 -15.22 -4.36
CA LYS A 4 7.07 -15.78 -3.30
C LYS A 4 6.92 -14.69 -2.29
N LYS A 5 8.02 -14.38 -1.58
CA LYS A 5 7.99 -13.49 -0.43
C LYS A 5 9.42 -13.07 -0.22
N ALA A 6 9.77 -11.83 -0.68
CA ALA A 6 11.06 -11.21 -0.46
C ALA A 6 11.01 -10.42 0.83
N LYS A 7 11.69 -10.93 1.90
CA LYS A 7 11.76 -10.37 3.23
C LYS A 7 13.07 -9.63 3.39
N GLN A 8 13.01 -8.35 3.81
CA GLN A 8 14.14 -7.46 3.92
C GLN A 8 13.59 -6.50 4.94
N ALA A 9 14.46 -5.82 5.71
CA ALA A 9 14.11 -4.72 6.59
C ALA A 9 14.53 -3.43 5.89
N SER A 10 13.68 -2.81 5.04
CA SER A 10 14.05 -1.65 4.27
C SER A 10 12.74 -1.26 3.65
N GLN A 11 12.81 -0.24 2.74
CA GLN A 11 11.73 0.40 1.98
C GLN A 11 10.97 -0.53 1.04
N ASP A 12 11.60 -1.68 0.69
CA ASP A 12 11.04 -2.87 0.04
C ASP A 12 9.99 -3.59 0.87
N ALA A 13 10.06 -3.51 2.22
CA ALA A 13 9.17 -4.24 3.11
C ALA A 13 8.08 -3.32 3.60
N GLU A 14 8.39 -2.00 3.66
CA GLU A 14 7.53 -0.90 4.05
C GLU A 14 6.55 -0.56 2.94
N GLN A 15 6.98 -0.73 1.66
CA GLN A 15 6.15 -0.62 0.45
C GLN A 15 5.36 -1.89 0.21
N ALA A 16 5.95 -3.07 0.53
CA ALA A 16 5.33 -4.39 0.35
C ALA A 16 4.29 -4.70 1.41
N ALA A 17 4.47 -4.12 2.64
CA ALA A 17 3.50 -4.05 3.72
C ALA A 17 2.33 -3.13 3.45
N LYS A 18 2.45 -2.16 2.50
CA LYS A 18 1.50 -1.10 2.23
C LYS A 18 0.49 -1.55 1.18
N ASP A 19 0.80 -2.63 0.43
CA ASP A 19 -0.03 -3.23 -0.62
C ASP A 19 -1.10 -4.17 -0.03
N ALA A 20 -1.02 -4.47 1.29
CA ALA A 20 -1.87 -5.45 2.00
C ALA A 20 -3.14 -4.83 2.53
N GLU A 21 -3.07 -3.51 2.83
CA GLU A 21 -4.18 -2.66 3.27
C GLU A 21 -4.85 -2.01 2.10
N ASN A 22 -4.03 -1.68 1.07
CA ASN A 22 -4.37 -0.82 -0.05
C ASN A 22 -5.00 -1.62 -1.13
N ALA A 23 -4.83 -2.98 -1.07
CA ALA A 23 -5.44 -3.98 -1.95
C ALA A 23 -6.96 -3.99 -1.96
N SER A 24 -7.62 -3.76 -0.79
CA SER A 24 -9.07 -3.52 -0.73
C SER A 24 -9.44 -2.05 -0.83
N LYS A 25 -8.44 -1.13 -0.82
CA LYS A 25 -8.58 0.30 -1.07
C LYS A 25 -8.36 0.68 -2.52
N GLU A 26 -8.08 -0.29 -3.43
CA GLU A 26 -7.53 -0.04 -4.75
C GLU A 26 -8.59 0.34 -5.77
N ALA A 27 -9.88 0.26 -5.34
CA ALA A 27 -11.01 0.99 -5.94
C ALA A 27 -11.26 2.35 -5.27
N GLU A 28 -10.84 2.51 -4.00
CA GLU A 28 -11.21 3.56 -3.06
C GLU A 28 -10.28 4.75 -3.11
N GLU A 29 -9.02 4.51 -3.61
CA GLU A 29 -8.02 5.51 -3.99
C GLU A 29 -8.43 6.22 -5.29
N ALA A 30 -9.27 5.49 -6.09
CA ALA A 30 -9.76 5.88 -7.41
C ALA A 30 -11.03 6.69 -7.28
N ALA A 31 -11.91 6.38 -6.28
CA ALA A 31 -13.08 7.21 -5.93
C ALA A 31 -12.71 8.24 -4.87
N LYS A 32 -11.45 8.71 -4.94
CA LYS A 32 -10.86 9.72 -4.10
C LYS A 32 -10.33 10.82 -4.99
N GLU A 33 -9.11 10.67 -5.56
CA GLU A 33 -8.31 11.77 -6.07
C GLU A 33 -8.48 11.99 -7.55
N ALA A 34 -9.15 11.05 -8.23
CA ALA A 34 -9.59 11.14 -9.62
C ALA A 34 -10.99 11.73 -9.72
N VAL A 35 -11.63 11.99 -8.55
CA VAL A 35 -13.04 12.37 -8.46
C VAL A 35 -13.14 13.73 -7.81
N ASN A 36 -12.74 13.83 -6.52
CA ASN A 36 -13.13 14.94 -5.65
C ASN A 36 -11.94 15.79 -5.31
N LEU A 37 -10.73 15.17 -5.14
CA LEU A 37 -9.42 15.82 -5.04
C LEU A 37 -9.17 16.48 -3.70
N LYS A 38 -9.90 16.02 -2.67
CA LYS A 38 -9.89 16.57 -1.35
C LYS A 38 -9.96 15.34 -0.42
N GLU A 1 23.30 -3.33 -5.49
CA GLU A 1 24.21 -2.20 -5.66
C GLU A 1 23.96 -1.29 -4.50
N ALA A 2 24.50 -1.59 -3.27
CA ALA A 2 24.42 -0.76 -2.06
C ALA A 2 23.10 -0.86 -1.34
N TYR A 3 22.21 -1.79 -1.76
CA TYR A 3 20.87 -1.84 -1.23
C TYR A 3 20.47 -3.20 -1.70
N LYS A 4 19.35 -3.74 -1.16
CA LYS A 4 18.80 -5.02 -1.53
C LYS A 4 17.33 -4.76 -1.46
N LYS A 5 16.72 -4.30 -2.59
CA LYS A 5 15.33 -3.94 -2.71
C LYS A 5 15.14 -4.13 -4.18
N ALA A 6 13.87 -4.02 -4.67
CA ALA A 6 13.49 -4.14 -6.07
C ALA A 6 13.52 -2.78 -6.75
N LYS A 7 12.94 -1.77 -6.06
CA LYS A 7 12.81 -0.39 -6.45
C LYS A 7 13.91 0.38 -5.75
N GLN A 8 14.05 1.67 -6.13
CA GLN A 8 15.15 2.55 -5.72
C GLN A 8 14.65 3.57 -4.71
N ALA A 9 13.30 3.74 -4.59
CA ALA A 9 12.64 4.58 -3.62
C ALA A 9 12.11 3.74 -2.48
N SER A 10 11.16 4.29 -1.70
CA SER A 10 10.70 3.66 -0.46
C SER A 10 9.20 3.68 -0.36
N GLN A 11 8.53 3.58 -1.54
CA GLN A 11 7.08 3.47 -1.74
C GLN A 11 6.64 2.03 -1.55
N ASP A 12 7.62 1.17 -1.88
CA ASP A 12 7.61 -0.26 -2.09
C ASP A 12 7.97 -0.89 -0.77
N ALA A 13 8.53 -0.06 0.16
CA ALA A 13 8.97 -0.39 1.50
C ALA A 13 7.83 -0.24 2.48
N GLU A 14 6.91 0.72 2.18
CA GLU A 14 5.73 1.08 2.94
C GLU A 14 4.59 0.15 2.56
N GLN A 15 4.45 -0.14 1.25
CA GLN A 15 3.31 -0.84 0.69
C GLN A 15 3.43 -2.37 0.69
N ALA A 16 4.58 -2.90 1.16
CA ALA A 16 4.87 -4.31 1.37
C ALA A 16 4.50 -4.80 2.77
N ALA A 17 4.20 -3.89 3.72
CA ALA A 17 3.76 -4.25 5.07
C ALA A 17 2.25 -4.37 5.17
N LYS A 18 1.57 -3.58 4.29
CA LYS A 18 0.14 -3.40 4.15
C LYS A 18 -0.48 -4.35 3.15
N ASP A 19 0.34 -5.09 2.37
CA ASP A 19 0.11 -6.07 1.29
C ASP A 19 -1.10 -6.99 1.29
N ALA A 20 -1.66 -7.29 2.49
CA ALA A 20 -2.86 -8.08 2.70
C ALA A 20 -4.10 -7.20 2.58
N GLU A 21 -3.99 -5.91 2.99
CA GLU A 21 -5.01 -4.88 2.90
C GLU A 21 -4.87 -4.16 1.57
N ASN A 22 -3.71 -4.34 0.84
CA ASN A 22 -3.38 -3.65 -0.42
C ASN A 22 -4.29 -3.98 -1.60
N ALA A 23 -5.02 -5.10 -1.48
CA ALA A 23 -6.07 -5.53 -2.42
C ALA A 23 -7.34 -4.69 -2.47
N SER A 24 -7.84 -4.13 -1.33
CA SER A 24 -8.99 -3.21 -1.31
C SER A 24 -8.60 -1.77 -1.44
N LYS A 25 -7.37 -1.39 -0.94
CA LYS A 25 -6.70 -0.10 -1.05
C LYS A 25 -6.55 0.54 -2.42
N GLU A 26 -6.58 -0.30 -3.48
CA GLU A 26 -6.25 -0.05 -4.87
C GLU A 26 -7.27 0.82 -5.60
N ALA A 27 -8.44 1.02 -4.93
CA ALA A 27 -9.49 1.97 -5.26
C ALA A 27 -9.27 3.31 -4.58
N GLU A 28 -8.93 3.26 -3.24
CA GLU A 28 -8.67 4.33 -2.28
C GLU A 28 -7.43 5.14 -2.61
N GLU A 29 -6.49 4.60 -3.47
CA GLU A 29 -5.34 5.29 -4.06
C GLU A 29 -5.70 6.52 -4.88
N ALA A 30 -6.50 6.29 -5.95
CA ALA A 30 -7.07 7.29 -6.84
C ALA A 30 -8.31 7.92 -6.22
N ALA A 31 -9.13 7.10 -5.50
CA ALA A 31 -10.36 7.56 -4.87
C ALA A 31 -10.17 8.26 -3.52
N LYS A 32 -8.91 8.67 -3.17
CA LYS A 32 -8.62 9.72 -2.20
C LYS A 32 -7.82 10.84 -2.83
N GLU A 33 -7.59 10.86 -4.18
CA GLU A 33 -6.97 12.01 -4.84
C GLU A 33 -7.99 12.90 -5.53
N ALA A 34 -9.00 12.35 -6.24
CA ALA A 34 -10.03 13.18 -6.86
C ALA A 34 -11.28 13.41 -6.02
N VAL A 35 -11.64 12.44 -5.16
CA VAL A 35 -12.95 12.35 -4.54
C VAL A 35 -12.89 12.84 -3.10
N ASN A 36 -11.68 12.97 -2.49
CA ASN A 36 -11.51 13.57 -1.19
C ASN A 36 -10.06 13.88 -1.14
N LEU A 37 -9.55 14.23 0.05
CA LEU A 37 -8.18 14.61 0.31
C LEU A 37 -8.03 14.64 1.82
N LYS A 38 -8.49 13.54 2.48
CA LYS A 38 -8.30 13.25 3.89
C LYS A 38 -7.01 12.39 4.10
#